data_2X5F
#
_entry.id   2X5F
#
_cell.length_a   82.780
_cell.length_b   89.990
_cell.length_c   104.910
_cell.angle_alpha   90.00
_cell.angle_beta   90.00
_cell.angle_gamma   90.00
#
_symmetry.space_group_name_H-M   'P 21 21 21'
#
loop_
_entity.id
_entity.type
_entity.pdbx_description
1 polymer "ASPARTATE_TYROSINE_PHENYLALANINE PYRIDOXAL-5' PHOSPHATE-DEPENDENT AMINOTRANSFERASE"
2 non-polymer "PYRIDOXAL-5'-PHOSPHATE"
3 non-polymer '4-(2-HYDROXYETHYL)-1-PIPERAZINE ETHANESULFONIC ACID'
4 non-polymer 'PHOSPHATE ION'
5 non-polymer 'MAGNESIUM ION'
6 water water
#
_entity_poly.entity_id   1
_entity_poly.type   'polypeptide(L)'
_entity_poly.pdbx_seq_one_letter_code
;GAMNPLAQSLNEQLQQSNATAFAMLSDLGQNMFYPKGILSQSAEAKSTTYNATIGMATNKDGKMFASSLDAMFNDLTPDE
IFPYAPPQGIEELRDLWQQKMLRDNPELSIDNMSRPIVTNALTHGLSLVGDLFVNQDDTILLPEHNWGNYKLVFNTRNGA
NLQTYPIFDKDGHYTTDSLVEALQSYNKDKVIMILNYPNNPTGYTPTHKEVTTIVEAIKALANKGTKVIAVVDDAYYGLF
YEDVYTQSLFTALTNLHSNAILPIRLDGATKEFFAWGFRVGFMTFGTSDQTTKEVLEAKVKGLIRSNISSGPLPTQSAVK
HVLKNNKQFDKEIEQNIQTLKERYEVTKEVVYADQYHSHWQAYDFNSGYFMAIKVHDVDPEALRKHLIDKYSIGVIALNA
TDIRIAFSCVEKDDIPHVFDSIAKAIDDLR
;
_entity_poly.pdbx_strand_id   A,B
#
loop_
_chem_comp.id
_chem_comp.type
_chem_comp.name
_chem_comp.formula
EPE non-polymer '4-(2-HYDROXYETHYL)-1-PIPERAZINE ETHANESULFONIC ACID' 'C8 H18 N2 O4 S'
MG non-polymer 'MAGNESIUM ION' 'Mg 2'
PLP non-polymer PYRIDOXAL-5'-PHOSPHATE 'C8 H10 N O6 P'
PO4 non-polymer 'PHOSPHATE ION' 'O4 P -3'
#
# COMPACT_ATOMS: atom_id res chain seq x y z
N MET A 3 -15.69 -1.67 -20.11
CA MET A 3 -15.99 -1.69 -18.65
C MET A 3 -16.50 -3.07 -18.27
N ASN A 4 -16.00 -3.61 -17.16
CA ASN A 4 -16.43 -4.91 -16.67
C ASN A 4 -17.92 -4.87 -16.32
N PRO A 5 -18.65 -5.95 -16.60
CA PRO A 5 -20.07 -6.03 -16.26
C PRO A 5 -20.38 -5.75 -14.78
N LEU A 6 -19.53 -6.26 -13.89
CA LEU A 6 -19.72 -6.03 -12.45
C LEU A 6 -19.60 -4.55 -12.07
N ALA A 7 -18.70 -3.83 -12.74
CA ALA A 7 -18.57 -2.39 -12.54
C ALA A 7 -19.81 -1.65 -13.05
N GLN A 8 -20.29 -2.08 -14.20
CA GLN A 8 -21.50 -1.50 -14.79
C GLN A 8 -22.68 -1.70 -13.86
N SER A 9 -22.77 -2.89 -13.26
CA SER A 9 -23.81 -3.21 -12.30
C SER A 9 -23.78 -2.28 -11.09
N LEU A 10 -22.60 -2.13 -10.50
CA LEU A 10 -22.41 -1.23 -9.35
C LEU A 10 -22.77 0.21 -9.71
N ASN A 11 -22.35 0.64 -10.89
CA ASN A 11 -22.59 2.01 -11.34
C ASN A 11 -24.09 2.31 -11.50
N GLU A 12 -24.82 1.35 -12.06
CA GLU A 12 -26.28 1.50 -12.28
C GLU A 12 -27.02 1.59 -10.95
N GLN A 13 -26.61 0.76 -9.99
CA GLN A 13 -27.20 0.76 -8.64
C GLN A 13 -26.93 2.10 -7.96
N LEU A 14 -25.69 2.59 -8.07
CA LEU A 14 -25.33 3.86 -7.47
C LEU A 14 -26.08 5.02 -8.11
N GLN A 15 -26.17 5.02 -9.45
CA GLN A 15 -26.92 6.04 -10.21
C GLN A 15 -28.38 6.15 -9.78
N GLN A 16 -29.01 5.02 -9.52
CA GLN A 16 -30.41 5.00 -9.12
C GLN A 16 -30.56 5.54 -7.70
N SER A 17 -29.61 5.22 -6.82
CA SER A 17 -29.71 5.53 -5.40
C SER A 17 -29.06 6.84 -5.00
N ASN A 18 -28.01 7.23 -5.72
CA ASN A 18 -27.24 8.41 -5.35
C ASN A 18 -26.50 8.91 -6.57
N ALA A 19 -27.24 9.57 -7.47
CA ALA A 19 -26.70 10.01 -8.74
C ALA A 19 -25.51 10.94 -8.58
N THR A 20 -25.55 11.80 -7.55
CA THR A 20 -24.43 12.72 -7.31
C THR A 20 -23.15 11.99 -6.90
N ALA A 21 -23.27 10.98 -6.03
CA ALA A 21 -22.11 10.17 -5.66
C ALA A 21 -21.53 9.51 -6.91
N PHE A 22 -22.38 8.98 -7.77
CA PHE A 22 -21.86 8.43 -9.04
C PHE A 22 -21.13 9.49 -9.84
N ALA A 23 -21.69 10.70 -9.91
CA ALA A 23 -21.13 11.78 -10.70
C ALA A 23 -19.77 12.23 -10.17
N MET A 24 -19.52 11.98 -8.88
CA MET A 24 -18.23 12.32 -8.25
C MET A 24 -17.10 11.37 -8.66
N LEU A 25 -17.43 10.16 -9.14
CA LEU A 25 -16.39 9.16 -9.45
C LEU A 25 -15.47 9.56 -10.59
N SER A 26 -14.18 9.29 -10.43
CA SER A 26 -13.22 9.38 -11.52
C SER A 26 -13.49 8.29 -12.53
N ASP A 27 -12.77 8.30 -13.64
CA ASP A 27 -12.88 7.24 -14.64
C ASP A 27 -12.49 5.89 -14.05
N LEU A 28 -11.40 5.87 -13.29
CA LEU A 28 -10.98 4.67 -12.58
C LEU A 28 -12.07 4.24 -11.62
N GLY A 29 -12.63 5.21 -10.88
CA GLY A 29 -13.72 4.97 -9.94
C GLY A 29 -14.88 4.27 -10.62
N GLN A 30 -15.27 4.75 -11.79
CA GLN A 30 -16.34 4.12 -12.56
C GLN A 30 -16.01 2.69 -12.95
N ASN A 31 -14.76 2.44 -13.35
CA ASN A 31 -14.38 1.12 -13.87
C ASN A 31 -14.17 0.05 -12.79
N MET A 32 -13.94 0.47 -11.56
CA MET A 32 -13.60 -0.44 -10.48
CA MET A 32 -13.57 -0.48 -10.51
C MET A 32 -14.78 -1.26 -9.98
N PHE A 33 -14.48 -2.44 -9.46
CA PHE A 33 -15.44 -3.34 -8.88
C PHE A 33 -14.63 -4.31 -8.04
N TYR A 34 -15.33 -5.15 -7.29
CA TYR A 34 -14.66 -6.20 -6.53
C TYR A 34 -15.00 -7.54 -7.16
N PRO A 35 -13.99 -8.25 -7.70
CA PRO A 35 -14.26 -9.49 -8.42
C PRO A 35 -14.96 -10.56 -7.60
N LYS A 36 -15.85 -11.28 -8.27
CA LYS A 36 -16.46 -12.47 -7.73
C LYS A 36 -15.60 -13.64 -8.17
N GLY A 37 -16.07 -14.42 -9.15
CA GLY A 37 -15.26 -15.49 -9.75
C GLY A 37 -14.56 -16.37 -8.73
N ILE A 38 -13.24 -16.20 -8.64
CA ILE A 38 -12.40 -17.06 -7.80
C ILE A 38 -12.52 -16.73 -6.30
N LEU A 39 -12.72 -15.46 -5.99
CA LEU A 39 -12.90 -15.01 -4.59
C LEU A 39 -14.21 -15.52 -4.01
N SER A 40 -15.29 -15.41 -4.79
CA SER A 40 -16.60 -15.95 -4.39
C SER A 40 -16.58 -17.45 -4.15
N GLN A 41 -15.91 -18.17 -5.04
CA GLN A 41 -15.75 -19.62 -4.90
C GLN A 41 -15.04 -20.01 -3.60
N SER A 42 -14.08 -19.19 -3.17
CA SER A 42 -13.32 -19.46 -1.95
C SER A 42 -14.16 -19.31 -0.68
N ALA A 43 -14.91 -18.21 -0.59
CA ALA A 43 -15.76 -17.95 0.57
C ALA A 43 -16.89 -18.97 0.71
N GLU A 44 -17.33 -19.51 -0.43
CA GLU A 44 -18.33 -20.58 -0.42
C GLU A 44 -17.79 -21.88 0.17
N ALA A 45 -16.47 -22.06 0.16
CA ALA A 45 -15.82 -23.26 0.69
C ALA A 45 -15.27 -23.08 2.11
N LYS A 46 -15.50 -21.92 2.71
CA LYS A 46 -15.06 -21.65 4.09
C LYS A 46 -15.54 -22.68 5.11
N SER A 47 -16.73 -23.24 4.89
CA SER A 47 -17.31 -24.22 5.81
C SER A 47 -17.19 -25.67 5.31
N THR A 48 -16.18 -25.93 4.49
CA THR A 48 -15.85 -27.30 4.06
C THR A 48 -14.83 -27.90 5.01
N THR A 49 -14.89 -29.22 5.19
CA THR A 49 -13.92 -29.92 6.05
C THR A 49 -12.53 -29.91 5.43
N TYR A 50 -12.46 -30.12 4.12
CA TYR A 50 -11.21 -30.09 3.36
C TYR A 50 -11.22 -28.92 2.38
N ASN A 51 -10.74 -27.78 2.84
CA ASN A 51 -10.74 -26.57 2.05
C ASN A 51 -9.44 -26.49 1.26
N ALA A 52 -9.50 -26.88 -0.01
CA ALA A 52 -8.32 -26.90 -0.88
C ALA A 52 -8.32 -25.72 -1.85
N THR A 53 -8.89 -24.59 -1.44
CA THR A 53 -9.00 -23.39 -2.28
C THR A 53 -8.11 -22.26 -1.78
N ILE A 54 -7.60 -22.38 -0.57
CA ILE A 54 -6.87 -21.32 0.08
C ILE A 54 -5.47 -21.23 -0.51
N GLY A 55 -5.06 -20.02 -0.89
CA GLY A 55 -3.73 -19.76 -1.40
C GLY A 55 -2.73 -19.51 -0.27
N MET A 56 -2.75 -20.39 0.74
CA MET A 56 -1.80 -20.36 1.85
C MET A 56 -1.37 -21.81 2.16
N ALA A 57 -0.41 -21.97 3.07
CA ALA A 57 0.03 -23.29 3.50
C ALA A 57 -0.54 -23.50 4.89
N THR A 58 -1.22 -24.63 5.07
CA THR A 58 -1.90 -24.93 6.34
C THR A 58 -1.73 -26.39 6.73
N ASN A 59 -1.87 -26.67 8.02
CA ASN A 59 -1.94 -28.04 8.53
C ASN A 59 -3.07 -28.12 9.56
N LYS A 60 -3.15 -29.21 10.32
CA LYS A 60 -4.26 -29.37 11.28
C LYS A 60 -4.34 -28.24 12.32
N ASP A 61 -3.20 -27.66 12.68
CA ASP A 61 -3.13 -26.64 13.72
C ASP A 61 -3.55 -25.25 13.24
N GLY A 62 -3.47 -25.03 11.93
CA GLY A 62 -3.74 -23.71 11.35
C GLY A 62 -2.75 -23.45 10.24
N LYS A 63 -2.44 -22.17 10.00
CA LYS A 63 -1.50 -21.85 8.93
C LYS A 63 -0.11 -22.36 9.31
N MET A 64 0.68 -22.73 8.31
CA MET A 64 2.07 -23.14 8.53
C MET A 64 2.92 -21.88 8.65
N PHE A 65 3.92 -21.91 9.52
CA PHE A 65 4.75 -20.73 9.77
C PHE A 65 6.11 -21.13 10.34
N ALA A 66 7.00 -20.16 10.40
CA ALA A 66 8.32 -20.34 10.97
C ALA A 66 8.28 -19.87 12.42
N SER A 67 8.53 -20.81 13.33
CA SER A 67 8.59 -20.52 14.77
C SER A 67 9.48 -19.33 15.12
N SER A 68 10.60 -19.18 14.40
CA SER A 68 11.52 -18.05 14.62
C SER A 68 10.85 -16.70 14.38
N LEU A 69 9.96 -16.62 13.39
CA LEU A 69 9.19 -15.40 13.17
C LEU A 69 8.10 -15.23 14.23
N ASP A 70 7.43 -16.33 14.55
CA ASP A 70 6.36 -16.30 15.53
C ASP A 70 6.92 -15.87 16.88
N ALA A 71 8.18 -16.22 17.13
CA ALA A 71 8.84 -15.91 18.40
C ALA A 71 9.03 -14.40 18.63
N MET A 72 8.89 -13.62 17.56
CA MET A 72 9.04 -12.17 17.64
C MET A 72 7.76 -11.45 18.07
N PHE A 73 6.70 -12.19 18.35
CA PHE A 73 5.42 -11.60 18.76
C PHE A 73 4.96 -12.22 20.08
N ASN A 74 4.25 -11.42 20.87
CA ASN A 74 3.59 -11.89 22.08
C ASN A 74 2.10 -11.61 22.00
N ASP A 75 1.31 -12.40 22.72
CA ASP A 75 -0.14 -12.20 22.89
C ASP A 75 -1.00 -12.41 21.65
N LEU A 76 -0.35 -12.47 20.49
CA LEU A 76 -1.02 -12.76 19.24
C LEU A 76 -0.84 -14.24 18.94
N THR A 77 -1.89 -14.88 18.45
CA THR A 77 -1.82 -16.25 17.98
C THR A 77 -1.29 -16.22 16.55
N PRO A 78 -0.73 -17.34 16.07
CA PRO A 78 -0.22 -17.32 14.68
C PRO A 78 -1.27 -16.91 13.65
N ASP A 79 -2.52 -17.29 13.86
CA ASP A 79 -3.58 -16.88 12.92
C ASP A 79 -3.88 -15.37 12.94
N GLU A 80 -3.36 -14.67 13.94
CA GLU A 80 -3.39 -13.20 13.98
C GLU A 80 -2.13 -12.56 13.44
N ILE A 81 -1.17 -13.37 13.00
CA ILE A 81 0.15 -12.88 12.56
C ILE A 81 0.40 -13.21 11.09
N PHE A 82 0.27 -14.47 10.70
CA PHE A 82 0.78 -14.95 9.42
C PHE A 82 -0.19 -14.92 8.23
N PRO A 83 -1.48 -15.22 8.45
CA PRO A 83 -2.38 -15.22 7.29
C PRO A 83 -2.59 -13.86 6.64
N TYR A 84 -3.25 -13.85 5.47
CA TYR A 84 -3.69 -12.62 4.86
C TYR A 84 -4.79 -11.97 5.68
N ALA A 85 -4.72 -10.65 5.80
CA ALA A 85 -5.88 -9.87 6.14
C ALA A 85 -6.77 -9.76 4.90
N PRO A 86 -8.09 -9.62 5.10
CA PRO A 86 -8.95 -9.29 3.98
C PRO A 86 -8.58 -7.93 3.39
N PRO A 87 -8.88 -7.70 2.08
CA PRO A 87 -8.54 -6.41 1.49
C PRO A 87 -9.19 -5.23 2.20
N GLN A 88 -10.35 -5.45 2.83
CA GLN A 88 -11.04 -4.39 3.58
C GLN A 88 -10.58 -4.27 5.04
N GLY A 89 -9.65 -5.13 5.43
CA GLY A 89 -9.14 -5.17 6.80
C GLY A 89 -9.86 -6.19 7.63
N ILE A 90 -9.27 -6.53 8.78
CA ILE A 90 -9.88 -7.48 9.68
C ILE A 90 -11.23 -6.93 10.14
N GLU A 91 -12.28 -7.73 9.96
CA GLU A 91 -13.64 -7.25 10.22
C GLU A 91 -13.81 -6.79 11.67
N GLU A 92 -13.23 -7.50 12.62
CA GLU A 92 -13.30 -7.07 14.03
C GLU A 92 -12.69 -5.71 14.26
N LEU A 93 -11.57 -5.46 13.60
CA LEU A 93 -10.89 -4.18 13.70
C LEU A 93 -11.78 -3.07 13.16
N ARG A 94 -12.44 -3.31 12.03
CA ARG A 94 -13.38 -2.35 11.48
C ARG A 94 -14.46 -1.99 12.51
N ASP A 95 -15.01 -3.02 13.15
CA ASP A 95 -16.06 -2.84 14.17
C ASP A 95 -15.55 -2.01 15.33
N LEU A 96 -14.41 -2.43 15.90
CA LEU A 96 -13.81 -1.75 17.05
C LEU A 96 -13.40 -0.31 16.77
N TRP A 97 -12.94 -0.03 15.57
CA TRP A 97 -12.57 1.33 15.22
C TRP A 97 -13.83 2.19 15.08
N GLN A 98 -14.88 1.62 14.50
CA GLN A 98 -16.14 2.35 14.39
C GLN A 98 -16.67 2.69 15.78
N GLN A 99 -16.57 1.74 16.70
CA GLN A 99 -16.96 1.96 18.10
C GLN A 99 -16.18 3.13 18.71
N LYS A 100 -14.87 3.15 18.47
CA LYS A 100 -14.03 4.27 18.93
C LYS A 100 -14.50 5.60 18.32
N MET A 101 -14.74 5.60 17.00
CA MET A 101 -15.22 6.81 16.34
C MET A 101 -16.50 7.33 16.96
N LEU A 102 -17.42 6.41 17.25
CA LEU A 102 -18.71 6.77 17.83
C LEU A 102 -18.49 7.38 19.23
N ARG A 103 -17.58 6.79 20.00
CA ARG A 103 -17.27 7.29 21.34
C ARG A 103 -16.67 8.70 21.28
N ASP A 104 -15.77 8.90 20.33
CA ASP A 104 -15.10 10.20 20.12
C ASP A 104 -16.02 11.26 19.51
N ASN A 105 -17.10 10.83 18.86
CA ASN A 105 -17.99 11.71 18.11
C ASN A 105 -19.45 11.48 18.48
N PRO A 106 -19.89 12.01 19.65
CA PRO A 106 -21.24 11.79 20.18
C PRO A 106 -22.38 12.17 19.23
N GLU A 107 -22.12 13.13 18.34
CA GLU A 107 -23.15 13.61 17.43
C GLU A 107 -23.17 12.85 16.11
N LEU A 108 -22.25 11.90 15.96
CA LEU A 108 -22.21 11.01 14.82
C LEU A 108 -23.10 9.79 15.05
N SER A 109 -23.91 9.46 14.05
CA SER A 109 -24.78 8.30 14.09
C SER A 109 -24.18 7.20 13.22
N ILE A 110 -24.23 5.97 13.71
CA ILE A 110 -23.81 4.81 12.93
C ILE A 110 -24.56 4.70 11.59
N ASP A 111 -25.82 5.15 11.55
CA ASP A 111 -26.60 5.11 10.30
C ASP A 111 -26.11 6.08 9.23
N ASN A 112 -25.33 7.08 9.62
CA ASN A 112 -24.88 8.11 8.71
C ASN A 112 -23.43 7.94 8.23
N MET A 113 -22.88 6.75 8.42
CA MET A 113 -21.55 6.43 7.87
C MET A 113 -21.46 5.00 7.37
N SER A 114 -20.48 4.76 6.49
CA SER A 114 -20.09 3.41 6.13
C SER A 114 -19.26 2.83 7.27
N ARG A 115 -19.04 1.52 7.23
CA ARG A 115 -18.16 0.90 8.20
C ARG A 115 -16.74 1.20 7.75
N PRO A 116 -15.92 1.74 8.65
CA PRO A 116 -14.55 2.08 8.24
C PRO A 116 -13.82 0.92 7.55
N ILE A 117 -13.17 1.23 6.44
CA ILE A 117 -12.32 0.27 5.73
C ILE A 117 -10.87 0.52 6.12
N VAL A 118 -10.13 -0.55 6.39
CA VAL A 118 -8.74 -0.42 6.80
C VAL A 118 -7.89 -0.12 5.58
N THR A 119 -6.97 0.81 5.73
CA THR A 119 -6.01 1.19 4.71
C THR A 119 -4.61 1.08 5.31
N ASN A 120 -3.60 1.15 4.45
CA ASN A 120 -2.19 1.28 4.85
C ASN A 120 -1.92 2.70 5.36
N ALA A 121 -2.55 3.03 6.49
CA ALA A 121 -2.47 4.37 7.08
C ALA A 121 -3.10 5.46 6.18
N LEU A 122 -2.92 6.71 6.56
CA LEU A 122 -3.70 7.81 5.98
C LEU A 122 -3.28 8.16 4.57
N THR A 123 -2.00 8.01 4.26
CA THR A 123 -1.53 8.28 2.91
C THR A 123 -2.25 7.38 1.93
N HIS A 124 -2.41 6.10 2.28
CA HIS A 124 -3.14 5.16 1.44
C HIS A 124 -4.57 5.61 1.27
N GLY A 125 -5.17 6.10 2.36
CA GLY A 125 -6.49 6.72 2.31
C GLY A 125 -6.55 7.85 1.29
N LEU A 126 -5.57 8.75 1.33
CA LEU A 126 -5.51 9.86 0.38
C LEU A 126 -5.36 9.35 -1.05
N SER A 127 -4.49 8.36 -1.23
CA SER A 127 -4.30 7.70 -2.53
C SER A 127 -5.60 7.09 -3.08
N LEU A 128 -6.36 6.45 -2.20
CA LEU A 128 -7.66 5.86 -2.55
C LEU A 128 -8.69 6.93 -2.94
N VAL A 129 -8.73 8.05 -2.23
CA VAL A 129 -9.53 9.19 -2.66
C VAL A 129 -9.15 9.62 -4.07
N GLY A 130 -7.85 9.71 -4.31
CA GLY A 130 -7.30 10.03 -5.62
C GLY A 130 -7.75 9.07 -6.70
N ASP A 131 -7.65 7.77 -6.41
CA ASP A 131 -8.07 6.71 -7.34
C ASP A 131 -9.55 6.82 -7.67
N LEU A 132 -10.35 6.97 -6.61
CA LEU A 132 -11.79 6.79 -6.71
C LEU A 132 -12.53 8.04 -7.18
N PHE A 133 -12.02 9.22 -6.83
CA PHE A 133 -12.73 10.49 -7.06
C PHE A 133 -11.98 11.57 -7.83
N VAL A 134 -10.68 11.40 -8.08
CA VAL A 134 -9.93 12.49 -8.67
C VAL A 134 -9.55 12.18 -10.12
N ASN A 135 -10.13 12.94 -11.03
CA ASN A 135 -9.74 12.87 -12.42
C ASN A 135 -8.61 13.84 -12.69
N GLN A 136 -7.84 13.55 -13.72
CA GLN A 136 -6.89 14.53 -14.21
C GLN A 136 -7.62 15.86 -14.41
N ASP A 137 -6.98 16.94 -13.99
CA ASP A 137 -7.53 18.30 -14.05
C ASP A 137 -8.70 18.63 -13.10
N ASP A 138 -9.08 17.72 -12.22
CA ASP A 138 -9.96 18.10 -11.11
C ASP A 138 -9.15 19.06 -10.23
N THR A 139 -9.85 19.76 -9.35
CA THR A 139 -9.23 20.73 -8.43
C THR A 139 -9.30 20.28 -6.98
N ILE A 140 -8.16 20.35 -6.30
CA ILE A 140 -8.05 20.13 -4.87
C ILE A 140 -8.03 21.52 -4.25
N LEU A 141 -8.97 21.79 -3.36
CA LEU A 141 -9.05 23.07 -2.67
C LEU A 141 -8.59 22.86 -1.24
N LEU A 142 -7.51 23.54 -0.86
CA LEU A 142 -6.90 23.31 0.45
C LEU A 142 -6.17 24.54 0.95
N PRO A 143 -5.93 24.63 2.27
CA PRO A 143 -5.22 25.78 2.82
C PRO A 143 -3.79 25.93 2.27
N GLU A 144 -3.31 27.15 2.19
CA GLU A 144 -1.95 27.41 1.68
C GLU A 144 -0.88 26.86 2.61
N HIS A 145 -1.24 26.73 3.90
CA HIS A 145 -0.45 25.98 4.87
C HIS A 145 -0.88 24.51 4.86
N ASN A 146 -0.06 23.66 4.26
CA ASN A 146 -0.43 22.27 4.05
C ASN A 146 0.77 21.32 3.99
N TRP A 147 0.46 20.03 4.02
CA TRP A 147 1.44 18.97 3.95
C TRP A 147 1.86 18.78 2.49
N GLY A 148 3.17 18.85 2.24
CA GLY A 148 3.70 18.77 0.89
C GLY A 148 3.34 17.51 0.11
N ASN A 149 3.05 16.41 0.81
CA ASN A 149 2.70 15.18 0.10
C ASN A 149 1.33 15.24 -0.58
N TYR A 150 0.45 16.17 -0.19
CA TYR A 150 -0.82 16.34 -0.91
C TYR A 150 -0.54 16.61 -2.40
N LYS A 151 0.45 17.44 -2.69
CA LYS A 151 0.80 17.74 -4.09
C LYS A 151 1.29 16.49 -4.83
N LEU A 152 2.12 15.69 -4.18
CA LEU A 152 2.67 14.51 -4.84
C LEU A 152 1.57 13.48 -5.10
N VAL A 153 0.66 13.31 -4.14
CA VAL A 153 -0.48 12.39 -4.31
C VAL A 153 -1.43 12.89 -5.40
N PHE A 154 -1.89 14.13 -5.27
CA PHE A 154 -2.99 14.59 -6.12
C PHE A 154 -2.59 15.22 -7.44
N ASN A 155 -1.49 15.97 -7.43
CA ASN A 155 -0.99 16.59 -8.65
C ASN A 155 -0.09 15.61 -9.41
N THR A 156 0.99 15.17 -8.77
CA THR A 156 1.96 14.36 -9.49
C THR A 156 1.42 12.98 -9.89
N ARG A 157 0.74 12.29 -8.98
CA ARG A 157 0.21 10.96 -9.26
C ARG A 157 -1.13 11.02 -9.99
N ASN A 158 -2.04 11.88 -9.55
CA ASN A 158 -3.41 11.90 -10.08
C ASN A 158 -3.72 12.98 -11.14
N GLY A 159 -2.81 13.92 -11.33
CA GLY A 159 -2.96 14.94 -12.35
C GLY A 159 -3.93 16.06 -12.07
N ALA A 160 -4.27 16.27 -10.80
CA ALA A 160 -5.16 17.34 -10.39
C ALA A 160 -4.38 18.63 -10.14
N ASN A 161 -5.11 19.74 -10.13
CA ASN A 161 -4.58 21.07 -9.81
C ASN A 161 -4.82 21.33 -8.34
N LEU A 162 -3.89 21.98 -7.67
CA LEU A 162 -4.14 22.45 -6.30
C LEU A 162 -4.47 23.94 -6.34
N GLN A 163 -5.57 24.32 -5.68
CA GLN A 163 -5.92 25.72 -5.47
C GLN A 163 -5.84 25.97 -3.97
N THR A 164 -5.05 26.95 -3.57
CA THR A 164 -4.91 27.24 -2.14
C THR A 164 -5.70 28.46 -1.71
N TYR A 165 -5.99 28.51 -0.41
CA TYR A 165 -6.60 29.69 0.20
C TYR A 165 -5.96 29.91 1.55
N PRO A 166 -5.79 31.17 1.97
CA PRO A 166 -5.18 31.42 3.28
C PRO A 166 -6.09 30.98 4.42
N ILE A 167 -5.49 30.54 5.53
CA ILE A 167 -6.27 30.29 6.73
C ILE A 167 -5.84 31.13 7.92
N PHE A 168 -4.83 31.99 7.76
CA PHE A 168 -4.41 32.93 8.79
C PHE A 168 -4.37 34.32 8.19
N ASP A 169 -4.75 35.30 8.99
CA ASP A 169 -4.77 36.70 8.55
C ASP A 169 -3.40 37.33 8.71
N LYS A 170 -3.34 38.65 8.48
CA LYS A 170 -2.12 39.46 8.68
C LYS A 170 -1.40 39.25 9.98
N ASP A 171 -2.16 39.09 11.05
CA ASP A 171 -1.60 39.07 12.40
C ASP A 171 -1.33 37.66 12.91
N GLY A 172 -1.37 36.69 12.01
CA GLY A 172 -1.13 35.29 12.36
C GLY A 172 -2.35 34.59 12.96
N HIS A 173 -3.50 35.27 12.95
CA HIS A 173 -4.72 34.73 13.56
C HIS A 173 -5.56 33.94 12.57
N TYR A 174 -6.07 32.79 13.00
CA TYR A 174 -6.87 31.95 12.11
C TYR A 174 -8.09 32.71 11.62
N THR A 175 -8.43 32.50 10.35
CA THR A 175 -9.60 33.16 9.77
C THR A 175 -10.32 32.23 8.80
N THR A 176 -11.65 32.26 8.83
CA THR A 176 -12.45 31.52 7.86
C THR A 176 -12.81 32.40 6.67
N ASP A 177 -12.45 33.68 6.71
CA ASP A 177 -12.89 34.65 5.69
C ASP A 177 -12.42 34.24 4.29
N SER A 178 -11.17 33.82 4.17
CA SER A 178 -10.59 33.51 2.85
C SER A 178 -11.18 32.23 2.27
N LEU A 179 -11.48 31.25 3.12
CA LEU A 179 -12.19 30.04 2.66
C LEU A 179 -13.58 30.40 2.13
N VAL A 180 -14.31 31.20 2.88
CA VAL A 180 -15.66 31.62 2.45
C VAL A 180 -15.60 32.33 1.11
N GLU A 181 -14.64 33.25 0.96
CA GLU A 181 -14.43 33.97 -0.30
C GLU A 181 -14.11 33.01 -1.45
N ALA A 182 -13.23 32.04 -1.19
CA ALA A 182 -12.86 31.03 -2.19
C ALA A 182 -14.07 30.21 -2.64
N LEU A 183 -14.90 29.78 -1.69
CA LEU A 183 -16.08 28.97 -1.99
C LEU A 183 -17.13 29.79 -2.77
N GLN A 184 -17.22 31.08 -2.46
CA GLN A 184 -18.19 31.96 -3.15
C GLN A 184 -17.82 32.23 -4.61
N SER A 185 -16.52 32.24 -4.88
CA SER A 185 -16.03 32.48 -6.24
C SER A 185 -15.75 31.20 -7.03
N TYR A 186 -15.82 30.04 -6.37
CA TYR A 186 -15.46 28.77 -6.99
C TYR A 186 -16.37 28.49 -8.17
N ASN A 187 -15.77 28.20 -9.32
CA ASN A 187 -16.51 28.21 -10.59
C ASN A 187 -16.52 26.88 -11.36
N LYS A 188 -16.24 25.77 -10.69
CA LYS A 188 -16.31 24.44 -11.31
C LYS A 188 -17.42 23.59 -10.70
N ASP A 189 -17.78 22.51 -11.40
CA ASP A 189 -18.90 21.65 -10.97
C ASP A 189 -18.50 20.59 -9.93
N LYS A 190 -17.21 20.54 -9.61
CA LYS A 190 -16.69 19.55 -8.69
C LYS A 190 -15.47 20.12 -7.98
N VAL A 191 -15.37 19.79 -6.70
CA VAL A 191 -14.17 20.13 -5.92
C VAL A 191 -13.84 19.01 -4.95
N ILE A 192 -12.54 18.79 -4.73
CA ILE A 192 -12.08 17.92 -3.67
C ILE A 192 -11.42 18.81 -2.64
N MET A 193 -12.06 18.94 -1.49
CA MET A 193 -11.52 19.75 -0.41
C MET A 193 -10.71 18.88 0.52
N ILE A 194 -9.57 19.38 0.99
CA ILE A 194 -8.83 18.74 2.06
C ILE A 194 -8.89 19.62 3.32
N LEU A 195 -9.37 19.02 4.40
CA LEU A 195 -9.46 19.70 5.67
C LEU A 195 -8.60 18.92 6.66
N ASN A 196 -7.55 19.56 7.17
CA ASN A 196 -6.59 18.89 8.03
C ASN A 196 -6.43 19.69 9.31
N TYR A 197 -7.16 19.28 10.34
CA TYR A 197 -7.15 19.93 11.65
C TYR A 197 -7.18 18.83 12.73
N PRO A 198 -6.19 18.81 13.65
CA PRO A 198 -5.08 19.73 13.76
C PRO A 198 -4.22 19.76 12.50
N ASN A 199 -3.73 20.94 12.20
CA ASN A 199 -3.03 21.23 10.97
C ASN A 199 -1.54 20.90 11.03
N ASN A 200 -1.06 20.38 9.91
CA ASN A 200 0.35 20.33 9.59
C ASN A 200 0.48 21.40 8.48
N PRO A 201 1.27 22.45 8.72
CA PRO A 201 2.30 22.63 9.74
C PRO A 201 2.00 23.53 10.95
N THR A 202 0.78 24.04 11.08
CA THR A 202 0.54 25.11 12.06
C THR A 202 -0.01 24.66 13.41
N GLY A 203 -0.46 23.42 13.52
CA GLY A 203 -0.95 22.90 14.80
C GLY A 203 -2.22 23.59 15.28
N TYR A 204 -3.00 24.08 14.33
CA TYR A 204 -4.27 24.73 14.66
C TYR A 204 -5.47 23.80 14.47
N THR A 205 -6.40 23.86 15.41
CA THR A 205 -7.70 23.22 15.31
C THR A 205 -8.74 24.32 15.56
N PRO A 206 -9.76 24.41 14.69
CA PRO A 206 -10.74 25.48 14.86
C PRO A 206 -11.70 25.27 16.02
N THR A 207 -12.33 26.37 16.42
CA THR A 207 -13.37 26.38 17.44
C THR A 207 -14.70 25.87 16.84
N HIS A 208 -15.67 25.59 17.70
CA HIS A 208 -17.02 25.20 17.28
CA HIS A 208 -17.02 25.19 17.27
C HIS A 208 -17.57 26.23 16.32
N LYS A 209 -17.39 27.48 16.69
CA LYS A 209 -17.81 28.64 15.91
C LYS A 209 -17.27 28.61 14.48
N GLU A 210 -15.96 28.39 14.40
CA GLU A 210 -15.27 28.37 13.12
C GLU A 210 -15.71 27.16 12.28
N VAL A 211 -15.86 26.00 12.91
CA VAL A 211 -16.31 24.81 12.19
C VAL A 211 -17.71 25.01 11.59
N THR A 212 -18.59 25.61 12.35
CA THR A 212 -19.93 25.94 11.87
C THR A 212 -19.86 26.79 10.61
N THR A 213 -19.06 27.85 10.64
CA THR A 213 -18.86 28.73 9.49
C THR A 213 -18.35 27.95 8.28
N ILE A 214 -17.35 27.09 8.51
CA ILE A 214 -16.74 26.31 7.44
C ILE A 214 -17.80 25.42 6.77
N VAL A 215 -18.50 24.65 7.59
CA VAL A 215 -19.44 23.66 7.05
C VAL A 215 -20.68 24.31 6.43
N GLU A 216 -21.13 25.44 6.99
CA GLU A 216 -22.22 26.22 6.36
C GLU A 216 -21.81 26.77 4.98
N ALA A 217 -20.57 27.23 4.88
CA ALA A 217 -20.00 27.71 3.61
C ALA A 217 -19.94 26.60 2.58
N ILE A 218 -19.55 25.41 3.02
CA ILE A 218 -19.44 24.25 2.11
C ILE A 218 -20.83 23.83 1.65
N LYS A 219 -21.79 23.86 2.56
CA LYS A 219 -23.19 23.58 2.21
C LYS A 219 -23.70 24.57 1.17
N ALA A 220 -23.33 25.83 1.30
CA ALA A 220 -23.77 26.86 0.35
C ALA A 220 -23.19 26.59 -1.05
N LEU A 221 -21.93 26.16 -1.10
CA LEU A 221 -21.31 25.79 -2.37
C LEU A 221 -22.00 24.59 -3.01
N ALA A 222 -22.27 23.58 -2.21
CA ALA A 222 -22.99 22.40 -2.69
C ALA A 222 -24.35 22.76 -3.31
N ASN A 223 -25.09 23.65 -2.64
CA ASN A 223 -26.41 24.06 -3.13
C ASN A 223 -26.37 24.93 -4.39
N LYS A 224 -25.20 25.49 -4.72
CA LYS A 224 -25.00 26.21 -5.99
C LYS A 224 -24.79 25.25 -7.17
N GLY A 225 -24.63 23.95 -6.90
CA GLY A 225 -24.46 22.95 -7.95
C GLY A 225 -23.08 22.32 -8.07
N THR A 226 -22.20 22.62 -7.13
CA THR A 226 -20.86 22.03 -7.11
C THR A 226 -20.83 20.78 -6.23
N LYS A 227 -20.37 19.68 -6.79
CA LYS A 227 -20.21 18.44 -6.03
C LYS A 227 -18.97 18.57 -5.16
N VAL A 228 -19.12 18.28 -3.86
CA VAL A 228 -18.03 18.47 -2.94
C VAL A 228 -17.59 17.11 -2.36
N ILE A 229 -16.36 16.73 -2.65
CA ILE A 229 -15.74 15.63 -1.92
C ILE A 229 -14.91 16.27 -0.80
N ALA A 230 -15.32 16.06 0.45
CA ALA A 230 -14.74 16.73 1.58
C ALA A 230 -13.88 15.74 2.35
N VAL A 231 -12.59 15.77 2.06
CA VAL A 231 -11.64 14.88 2.69
C VAL A 231 -11.20 15.47 4.02
N VAL A 232 -11.45 14.74 5.09
CA VAL A 232 -11.10 15.15 6.42
C VAL A 232 -9.88 14.34 6.84
N ASP A 233 -8.72 14.99 6.83
CA ASP A 233 -7.45 14.35 7.17
C ASP A 233 -7.23 14.47 8.67
N ASP A 234 -7.55 13.40 9.39
CA ASP A 234 -7.52 13.40 10.86
C ASP A 234 -6.24 12.80 11.44
N ALA A 235 -5.12 12.99 10.75
CA ALA A 235 -3.81 12.51 11.20
C ALA A 235 -3.54 12.79 12.66
N TYR A 236 -3.81 14.04 13.10
CA TYR A 236 -3.48 14.45 14.48
C TYR A 236 -4.69 14.50 15.39
N TYR A 237 -5.77 13.81 15.02
CA TYR A 237 -7.01 13.83 15.79
C TYR A 237 -6.78 13.42 17.26
N GLY A 238 -7.42 14.16 18.17
CA GLY A 238 -7.36 13.87 19.60
C GLY A 238 -6.28 14.63 20.33
N LEU A 239 -5.31 15.17 19.60
CA LEU A 239 -4.20 15.92 20.22
C LEU A 239 -4.60 17.37 20.42
N PHE A 240 -5.59 17.59 21.29
CA PHE A 240 -6.18 18.90 21.50
C PHE A 240 -5.75 19.47 22.84
N TYR A 241 -5.18 20.67 22.84
CA TYR A 241 -4.62 21.27 24.06
C TYR A 241 -5.37 22.52 24.55
N GLU A 242 -6.41 22.93 23.81
CA GLU A 242 -7.29 24.04 24.21
C GLU A 242 -8.74 23.65 23.96
N ASP A 243 -9.65 24.56 24.32
CA ASP A 243 -11.09 24.36 24.19
C ASP A 243 -11.53 24.63 22.74
N VAL A 244 -11.36 23.62 21.90
CA VAL A 244 -11.69 23.71 20.50
C VAL A 244 -12.76 22.67 20.16
N TYR A 245 -13.16 22.64 18.89
CA TYR A 245 -14.05 21.58 18.40
C TYR A 245 -13.29 20.26 18.47
N THR A 246 -13.80 19.31 19.24
CA THR A 246 -13.05 18.06 19.49
C THR A 246 -13.61 16.83 18.79
N GLN A 247 -14.73 17.01 18.08
CA GLN A 247 -15.20 15.97 17.19
C GLN A 247 -14.47 16.15 15.86
N SER A 248 -14.50 15.12 15.03
CA SER A 248 -13.96 15.24 13.67
C SER A 248 -14.84 16.17 12.87
N LEU A 249 -14.24 16.92 11.94
CA LEU A 249 -15.05 17.74 11.01
C LEU A 249 -15.92 16.84 10.13
N PHE A 250 -15.56 15.57 10.02
CA PHE A 250 -16.39 14.57 9.35
C PHE A 250 -17.80 14.54 9.92
N THR A 251 -17.91 14.64 11.24
CA THR A 251 -19.21 14.60 11.92
C THR A 251 -20.04 15.83 11.56
N ALA A 252 -19.44 17.01 11.66
CA ALA A 252 -20.10 18.27 11.27
C ALA A 252 -20.59 18.21 9.82
N LEU A 253 -19.75 17.69 8.95
CA LEU A 253 -20.05 17.61 7.50
C LEU A 253 -21.12 16.57 7.17
N THR A 254 -21.07 15.43 7.85
CA THR A 254 -22.05 14.37 7.65
C THR A 254 -23.43 14.80 8.14
N ASN A 255 -23.45 15.57 9.22
CA ASN A 255 -24.69 16.08 9.79
C ASN A 255 -25.38 17.18 8.96
N LEU A 256 -24.75 17.62 7.87
CA LEU A 256 -25.39 18.53 6.90
C LEU A 256 -26.47 17.83 6.09
N HIS A 257 -26.30 16.52 5.86
CA HIS A 257 -27.28 15.75 5.09
C HIS A 257 -27.55 16.38 3.70
N SER A 258 -26.46 16.55 2.94
CA SER A 258 -26.56 16.99 1.55
C SER A 258 -26.01 15.87 0.69
N ASN A 259 -26.72 15.44 -0.36
CA ASN A 259 -26.15 14.39 -1.20
C ASN A 259 -25.01 14.93 -2.09
N ALA A 260 -24.90 16.26 -2.18
CA ALA A 260 -23.87 16.91 -2.98
C ALA A 260 -22.55 17.11 -2.20
N ILE A 261 -22.51 16.67 -0.94
CA ILE A 261 -21.28 16.69 -0.15
C ILE A 261 -21.03 15.26 0.31
N LEU A 262 -19.91 14.71 -0.10
CA LEU A 262 -19.48 13.41 0.38
C LEU A 262 -18.27 13.58 1.29
N PRO A 263 -18.52 13.58 2.62
CA PRO A 263 -17.42 13.57 3.58
C PRO A 263 -16.70 12.24 3.57
N ILE A 264 -15.38 12.31 3.64
CA ILE A 264 -14.54 11.13 3.73
C ILE A 264 -13.55 11.33 4.86
N ARG A 265 -13.65 10.50 5.89
CA ARG A 265 -12.73 10.59 7.00
C ARG A 265 -11.55 9.65 6.82
N LEU A 266 -10.36 10.21 6.95
CA LEU A 266 -9.14 9.45 7.00
C LEU A 266 -8.52 9.61 8.38
N ASP A 267 -8.47 8.51 9.12
CA ASP A 267 -7.87 8.53 10.45
C ASP A 267 -7.10 7.23 10.63
N GLY A 268 -6.49 7.04 11.79
CA GLY A 268 -5.69 5.85 11.98
C GLY A 268 -4.87 5.83 13.25
N ALA A 269 -4.11 4.75 13.37
CA ALA A 269 -3.23 4.53 14.51
C ALA A 269 -1.94 5.32 14.44
N THR A 270 -1.60 5.81 13.25
CA THR A 270 -0.32 6.46 12.98
C THR A 270 0.14 7.38 14.10
N LYS A 271 -0.63 8.42 14.38
CA LYS A 271 -0.27 9.40 15.40
C LYS A 271 -1.10 9.25 16.68
N GLU A 272 -2.38 8.92 16.52
CA GLU A 272 -3.26 8.69 17.67
C GLU A 272 -2.73 7.65 18.66
N PHE A 273 -2.14 6.58 18.11
CA PHE A 273 -1.63 5.45 18.90
C PHE A 273 -0.10 5.41 18.91
N PHE A 274 0.54 6.48 18.47
CA PHE A 274 2.00 6.59 18.50
C PHE A 274 2.61 5.35 17.81
N ALA A 275 2.13 5.09 16.60
CA ALA A 275 2.39 3.86 15.86
C ALA A 275 2.57 4.14 14.38
N TRP A 276 3.51 5.04 14.09
CA TRP A 276 3.74 5.58 12.74
C TRP A 276 4.04 4.48 11.72
N GLY A 277 4.90 3.55 12.09
CA GLY A 277 5.33 2.47 11.21
C GLY A 277 4.39 1.28 11.09
N PHE A 278 3.29 1.28 11.85
CA PHE A 278 2.32 0.17 11.81
C PHE A 278 1.59 0.11 10.48
N ARG A 279 1.30 1.28 9.91
CA ARG A 279 0.54 1.42 8.66
C ARG A 279 -0.88 0.87 8.78
N VAL A 280 -1.56 1.31 9.84
CA VAL A 280 -2.98 0.99 10.05
C VAL A 280 -3.77 2.28 10.12
N GLY A 281 -4.63 2.47 9.11
CA GLY A 281 -5.53 3.62 9.04
C GLY A 281 -6.87 3.18 8.50
N PHE A 282 -7.79 4.14 8.36
CA PHE A 282 -9.19 3.84 8.05
C PHE A 282 -9.79 4.89 7.14
N MET A 283 -10.71 4.45 6.29
CA MET A 283 -11.42 5.31 5.37
C MET A 283 -12.91 5.12 5.61
N THR A 284 -13.61 6.22 5.93
CA THR A 284 -15.05 6.18 6.20
C THR A 284 -15.80 7.24 5.37
N PHE A 285 -16.94 6.84 4.82
CA PHE A 285 -17.80 7.70 4.02
C PHE A 285 -18.99 8.21 4.82
N GLY A 286 -19.31 9.50 4.65
CA GLY A 286 -20.48 10.12 5.27
C GLY A 286 -21.68 10.03 4.34
N THR A 287 -22.50 9.02 4.57
CA THR A 287 -23.71 8.79 3.80
C THR A 287 -24.68 7.95 4.62
N SER A 288 -25.98 8.18 4.42
CA SER A 288 -27.00 7.39 5.08
C SER A 288 -27.64 6.37 4.14
N ASP A 289 -27.10 6.28 2.92
CA ASP A 289 -27.65 5.42 1.88
C ASP A 289 -26.92 4.09 1.82
N GLN A 290 -27.65 3.00 2.05
CA GLN A 290 -27.06 1.66 2.10
C GLN A 290 -26.38 1.30 0.77
N THR A 291 -27.04 1.58 -0.34
CA THR A 291 -26.45 1.27 -1.66
C THR A 291 -25.11 1.96 -1.88
N THR A 292 -25.05 3.25 -1.54
CA THR A 292 -23.83 4.02 -1.61
C THR A 292 -22.74 3.37 -0.78
N LYS A 293 -23.07 2.99 0.45
CA LYS A 293 -22.12 2.30 1.33
C LYS A 293 -21.57 1.03 0.67
N GLU A 294 -22.45 0.21 0.13
CA GLU A 294 -22.06 -1.07 -0.44
C GLU A 294 -21.24 -0.91 -1.73
N VAL A 295 -21.67 0.00 -2.60
CA VAL A 295 -20.95 0.19 -3.88
C VAL A 295 -19.57 0.81 -3.66
N LEU A 296 -19.50 1.83 -2.80
CA LEU A 296 -18.20 2.42 -2.49
C LEU A 296 -17.27 1.42 -1.81
N GLU A 297 -17.80 0.58 -0.90
CA GLU A 297 -16.95 -0.45 -0.28
C GLU A 297 -16.41 -1.42 -1.32
N ALA A 298 -17.28 -1.88 -2.22
CA ALA A 298 -16.90 -2.82 -3.28
C ALA A 298 -15.78 -2.22 -4.13
N LYS A 299 -15.97 -0.96 -4.54
CA LYS A 299 -14.95 -0.28 -5.35
C LYS A 299 -13.64 -0.06 -4.63
N VAL A 300 -13.70 0.30 -3.34
CA VAL A 300 -12.48 0.48 -2.53
C VAL A 300 -11.74 -0.84 -2.34
N LYS A 301 -12.48 -1.92 -2.10
CA LYS A 301 -11.89 -3.25 -2.00
C LYS A 301 -11.14 -3.61 -3.27
N GLY A 302 -11.75 -3.33 -4.43
CA GLY A 302 -11.12 -3.56 -5.72
C GLY A 302 -9.89 -2.71 -5.91
N LEU A 303 -9.97 -1.45 -5.52
CA LEU A 303 -8.82 -0.55 -5.54
C LEU A 303 -7.70 -1.05 -4.66
N ILE A 304 -8.00 -1.55 -3.46
CA ILE A 304 -6.97 -2.06 -2.57
C ILE A 304 -6.39 -3.36 -3.13
N ARG A 305 -7.25 -4.26 -3.57
CA ARG A 305 -6.83 -5.57 -4.11
C ARG A 305 -5.90 -5.41 -5.30
N SER A 306 -6.16 -4.40 -6.13
CA SER A 306 -5.36 -4.17 -7.32
C SER A 306 -4.13 -3.27 -7.11
N ASN A 307 -3.85 -2.89 -5.85
CA ASN A 307 -2.75 -1.99 -5.51
C ASN A 307 -1.78 -2.68 -4.53
N ILE A 308 -2.26 -3.03 -3.33
CA ILE A 308 -1.44 -3.71 -2.32
C ILE A 308 -1.95 -5.10 -1.91
N SER A 309 -3.09 -5.50 -2.43
CA SER A 309 -3.83 -6.72 -2.07
C SER A 309 -4.51 -6.60 -0.71
N SER A 310 -3.69 -6.40 0.31
CA SER A 310 -4.14 -6.26 1.68
C SER A 310 -3.03 -5.61 2.50
N GLY A 311 -3.41 -5.16 3.69
CA GLY A 311 -2.50 -4.53 4.62
C GLY A 311 -1.92 -5.51 5.61
N PRO A 312 -1.00 -5.03 6.46
CA PRO A 312 -0.28 -5.91 7.38
C PRO A 312 -1.15 -6.50 8.48
N LEU A 313 -1.26 -7.83 8.52
CA LEU A 313 -2.04 -8.48 9.55
C LEU A 313 -1.49 -8.25 10.96
N PRO A 314 -0.17 -8.45 11.17
CA PRO A 314 0.28 -8.32 12.57
C PRO A 314 -0.03 -6.97 13.22
N THR A 315 0.12 -5.88 12.46
CA THR A 315 -0.12 -4.56 13.04
C THR A 315 -1.62 -4.27 13.15
N GLN A 316 -2.41 -4.74 12.20
CA GLN A 316 -3.88 -4.71 12.34
C GLN A 316 -4.33 -5.47 13.59
N SER A 317 -3.75 -6.65 13.82
CA SER A 317 -4.10 -7.45 14.98
C SER A 317 -3.66 -6.76 16.27
N ALA A 318 -2.47 -6.14 16.23
CA ALA A 318 -1.99 -5.39 17.40
C ALA A 318 -2.93 -4.24 17.78
N VAL A 319 -3.36 -3.47 16.78
CA VAL A 319 -4.28 -2.36 17.01
C VAL A 319 -5.62 -2.89 17.54
N LYS A 320 -6.12 -3.97 16.93
CA LYS A 320 -7.28 -4.70 17.47
C LYS A 320 -7.12 -5.04 18.95
N HIS A 321 -5.97 -5.59 19.33
CA HIS A 321 -5.76 -6.01 20.71
C HIS A 321 -5.77 -4.87 21.73
N VAL A 322 -5.19 -3.72 21.39
CA VAL A 322 -5.14 -2.61 22.34
C VAL A 322 -6.46 -1.85 22.38
N LEU A 323 -7.27 -2.00 21.34
CA LEU A 323 -8.65 -1.51 21.35
C LEU A 323 -9.51 -2.36 22.29
N LYS A 324 -9.31 -3.69 22.28
CA LYS A 324 -10.04 -4.61 23.16
C LYS A 324 -9.50 -4.60 24.59
N ASN A 325 -8.21 -4.90 24.73
CA ASN A 325 -7.54 -4.92 26.03
C ASN A 325 -6.90 -3.55 26.22
N ASN A 326 -7.71 -2.59 26.66
CA ASN A 326 -7.38 -1.18 26.49
C ASN A 326 -6.92 -0.40 27.72
N LYS A 327 -7.26 -0.86 28.92
CA LYS A 327 -7.03 -0.08 30.15
C LYS A 327 -5.62 0.50 30.25
N GLN A 328 -4.62 -0.38 30.24
CA GLN A 328 -3.23 0.04 30.39
C GLN A 328 -2.79 0.88 29.19
N PHE A 329 -3.10 0.40 28.00
CA PHE A 329 -2.75 1.10 26.79
C PHE A 329 -3.29 2.53 26.79
N ASP A 330 -4.57 2.69 27.11
CA ASP A 330 -5.22 4.02 27.13
C ASP A 330 -4.50 4.97 28.08
N LYS A 331 -4.11 4.47 29.25
CA LYS A 331 -3.39 5.28 30.23
C LYS A 331 -2.03 5.76 29.69
N GLU A 332 -1.35 4.86 28.98
CA GLU A 332 -0.03 5.18 28.41
C GLU A 332 -0.12 6.24 27.32
N ILE A 333 -1.15 6.12 26.48
CA ILE A 333 -1.38 7.10 25.42
C ILE A 333 -1.74 8.45 26.04
N GLU A 334 -2.64 8.43 27.02
CA GLU A 334 -2.99 9.64 27.76
C GLU A 334 -1.77 10.32 28.37
N GLN A 335 -0.86 9.55 28.97
CA GLN A 335 0.38 10.13 29.48
C GLN A 335 1.21 10.79 28.39
N ASN A 336 1.36 10.12 27.25
CA ASN A 336 2.15 10.67 26.15
C ASN A 336 1.55 11.97 25.64
N ILE A 337 0.22 12.02 25.52
CA ILE A 337 -0.48 13.24 25.07
C ILE A 337 -0.31 14.36 26.10
N GLN A 338 -0.33 14.01 27.39
CA GLN A 338 -0.11 15.00 28.46
C GLN A 338 1.29 15.58 28.32
N THR A 339 2.28 14.73 28.01
CA THR A 339 3.63 15.22 27.73
C THR A 339 3.63 16.21 26.58
N LEU A 340 2.91 15.90 25.51
CA LEU A 340 2.79 16.82 24.37
C LEU A 340 2.09 18.11 24.80
N LYS A 341 1.06 17.99 25.63
CA LYS A 341 0.32 19.17 26.08
C LYS A 341 1.22 20.12 26.85
N GLU A 342 2.05 19.57 27.73
CA GLU A 342 2.94 20.40 28.56
C GLU A 342 3.98 21.11 27.70
N ARG A 343 4.48 20.44 26.66
CA ARG A 343 5.42 21.06 25.72
C ARG A 343 4.75 22.18 24.93
N TYR A 344 3.50 21.94 24.53
CA TYR A 344 2.69 22.98 23.90
C TYR A 344 2.54 24.19 24.84
N GLU A 345 2.23 23.92 26.10
CA GLU A 345 2.01 24.99 27.06
C GLU A 345 3.28 25.82 27.29
N VAL A 346 4.43 25.16 27.31
CA VAL A 346 5.71 25.86 27.41
C VAL A 346 5.99 26.66 26.12
N THR A 347 5.69 26.04 24.99
CA THR A 347 5.86 26.66 23.68
C THR A 347 5.04 27.95 23.57
N LYS A 348 3.78 27.89 23.97
CA LYS A 348 2.89 29.06 24.03
C LYS A 348 3.43 30.16 24.94
N GLU A 349 3.81 29.80 26.16
CA GLU A 349 4.36 30.75 27.12
C GLU A 349 5.57 31.47 26.54
N VAL A 350 6.39 30.75 25.78
CA VAL A 350 7.63 31.31 25.24
C VAL A 350 7.41 32.06 23.93
N VAL A 351 6.67 31.47 23.01
CA VAL A 351 6.52 32.06 21.68
C VAL A 351 5.92 33.46 21.74
N TYR A 352 5.02 33.70 22.69
CA TYR A 352 4.33 34.99 22.80
C TYR A 352 4.96 35.94 23.83
N ALA A 353 6.12 35.58 24.38
CA ALA A 353 6.79 36.47 25.33
C ALA A 353 7.21 37.76 24.64
N ASP A 354 7.10 38.87 25.37
CA ASP A 354 7.36 40.20 24.83
C ASP A 354 8.76 40.36 24.20
N GLN A 355 9.75 39.70 24.79
CA GLN A 355 11.13 39.78 24.31
C GLN A 355 11.32 39.35 22.85
N TYR A 356 10.34 38.62 22.28
CA TYR A 356 10.42 38.13 20.91
C TYR A 356 9.43 38.80 19.93
N HIS A 357 8.85 39.93 20.33
CA HIS A 357 7.84 40.58 19.49
C HIS A 357 8.41 41.07 18.17
N SER A 358 9.68 41.47 18.18
CA SER A 358 10.34 41.96 16.97
C SER A 358 10.83 40.82 16.07
N HIS A 359 10.92 39.60 16.60
CA HIS A 359 11.58 38.50 15.89
C HIS A 359 10.63 37.73 14.99
N TRP A 360 9.41 37.50 15.48
CA TRP A 360 8.44 36.72 14.72
C TRP A 360 7.00 37.02 15.10
N GLN A 361 6.10 36.48 14.29
CA GLN A 361 4.67 36.47 14.58
C GLN A 361 4.18 35.04 14.48
N ALA A 362 3.73 34.49 15.59
CA ALA A 362 3.24 33.11 15.62
C ALA A 362 1.92 33.02 14.87
N TYR A 363 1.71 31.91 14.19
CA TYR A 363 0.40 31.56 13.67
C TYR A 363 -0.30 30.85 14.81
N ASP A 364 -1.59 31.13 15.00
CA ASP A 364 -2.36 30.48 16.07
C ASP A 364 -2.11 28.97 16.09
N PHE A 365 -1.95 28.44 17.29
CA PHE A 365 -1.73 27.00 17.47
C PHE A 365 -2.30 26.55 18.81
N ASN A 366 -2.81 25.32 18.83
CA ASN A 366 -3.50 24.76 19.97
C ASN A 366 -3.58 23.23 19.98
N SER A 367 -2.81 22.55 19.13
CA SER A 367 -2.99 21.13 18.92
C SER A 367 -1.84 20.48 18.15
N GLY A 368 -1.85 19.16 18.09
CA GLY A 368 -0.95 18.41 17.23
C GLY A 368 0.52 18.44 17.63
N TYR A 369 1.41 18.48 16.64
CA TYR A 369 2.85 18.33 16.86
C TYR A 369 3.65 19.60 16.65
N PHE A 370 3.08 20.55 15.92
CA PHE A 370 3.82 21.61 15.28
C PHE A 370 3.22 22.96 15.60
N MET A 371 4.05 23.99 15.51
CA MET A 371 3.54 25.33 15.31
C MET A 371 4.44 26.01 14.31
N ALA A 372 3.97 27.13 13.78
CA ALA A 372 4.73 27.86 12.77
C ALA A 372 4.80 29.32 13.18
N ILE A 373 5.88 29.97 12.81
CA ILE A 373 6.06 31.39 13.04
C ILE A 373 6.38 32.06 11.71
N LYS A 374 5.90 33.28 11.54
CA LYS A 374 6.31 34.15 10.44
C LYS A 374 7.51 34.93 10.95
N VAL A 375 8.67 34.70 10.35
CA VAL A 375 9.89 35.32 10.85
C VAL A 375 10.05 36.70 10.26
N HIS A 376 10.45 37.66 11.08
CA HIS A 376 10.57 39.04 10.64
C HIS A 376 11.94 39.31 10.04
N ASP A 377 11.94 39.96 8.88
CA ASP A 377 13.12 40.60 8.30
C ASP A 377 14.20 39.67 7.74
N VAL A 378 13.98 38.36 7.78
CA VAL A 378 15.02 37.40 7.37
C VAL A 378 14.45 36.27 6.53
N ASP A 379 15.26 35.73 5.63
CA ASP A 379 14.86 34.59 4.79
C ASP A 379 14.84 33.32 5.66
N PRO A 380 13.72 32.58 5.69
CA PRO A 380 13.65 31.33 6.46
C PRO A 380 14.75 30.30 6.13
N GLU A 381 15.12 30.19 4.86
CA GLU A 381 16.13 29.21 4.44
C GLU A 381 17.50 29.61 5.00
N ALA A 382 17.87 30.88 4.83
CA ALA A 382 19.11 31.41 5.42
C ALA A 382 19.10 31.21 6.93
N LEU A 383 17.96 31.50 7.55
CA LEU A 383 17.78 31.27 8.99
C LEU A 383 17.96 29.81 9.33
N ARG A 384 17.26 28.93 8.60
CA ARG A 384 17.37 27.50 8.83
C ARG A 384 18.82 27.01 8.76
N LYS A 385 19.54 27.43 7.72
CA LYS A 385 20.94 27.00 7.55
C LYS A 385 21.82 27.54 8.68
N HIS A 386 21.61 28.80 9.04
CA HIS A 386 22.40 29.47 10.07
C HIS A 386 22.17 28.86 11.46
N LEU A 387 20.93 28.47 11.74
CA LEU A 387 20.57 27.79 12.98
C LEU A 387 21.27 26.44 13.14
N ILE A 388 21.40 25.71 12.03
CA ILE A 388 22.14 24.44 12.04
C ILE A 388 23.62 24.70 12.28
N ASP A 389 24.18 25.63 11.52
CA ASP A 389 25.63 25.90 11.53
C ASP A 389 26.13 26.45 12.87
N LYS A 390 25.46 27.46 13.41
CA LYS A 390 25.95 28.17 14.59
C LYS A 390 25.29 27.73 15.91
N TYR A 391 24.01 27.37 15.84
CA TYR A 391 23.21 27.15 17.05
C TYR A 391 22.85 25.68 17.29
N SER A 392 23.21 24.81 16.35
CA SER A 392 22.84 23.40 16.43
C SER A 392 21.33 23.23 16.71
N ILE A 393 20.52 23.98 15.98
CA ILE A 393 19.06 23.92 16.06
C ILE A 393 18.52 23.52 14.68
N GLY A 394 17.67 22.50 14.65
CA GLY A 394 17.06 22.05 13.40
C GLY A 394 15.60 22.46 13.30
N VAL A 395 15.27 23.26 12.28
CA VAL A 395 13.89 23.62 11.98
C VAL A 395 13.62 23.45 10.48
N ILE A 396 12.36 23.61 10.12
CA ILE A 396 11.92 23.49 8.73
C ILE A 396 11.54 24.85 8.18
N ALA A 397 12.05 25.18 7.00
CA ALA A 397 11.65 26.38 6.29
C ALA A 397 10.53 26.00 5.32
N LEU A 398 9.33 26.51 5.58
CA LEU A 398 8.11 26.09 4.88
C LEU A 398 7.90 26.80 3.56
N ASN A 399 8.23 28.08 3.55
CA ASN A 399 7.91 28.97 2.44
C ASN A 399 8.74 30.25 2.56
N ALA A 400 8.31 31.34 1.95
CA ALA A 400 9.11 32.56 1.90
C ALA A 400 9.24 33.30 3.23
N THR A 401 8.33 33.02 4.18
CA THR A 401 8.30 33.76 5.45
C THR A 401 8.24 32.90 6.72
N ASP A 402 7.91 31.62 6.61
CA ASP A 402 7.52 30.82 7.79
C ASP A 402 8.50 29.69 8.07
N ILE A 403 8.73 29.44 9.35
CA ILE A 403 9.41 28.22 9.77
C ILE A 403 8.47 27.40 10.63
N ARG A 404 8.69 26.08 10.63
CA ARG A 404 7.91 25.17 11.44
C ARG A 404 8.79 24.60 12.54
N ILE A 405 8.27 24.59 13.76
CA ILE A 405 8.94 24.03 14.91
C ILE A 405 8.10 22.88 15.46
N ALA A 406 8.69 21.69 15.55
CA ALA A 406 8.01 20.53 16.09
C ALA A 406 8.29 20.36 17.59
N PHE A 407 7.35 20.77 18.45
CA PHE A 407 7.50 20.47 19.88
C PHE A 407 7.23 18.99 20.17
N SER A 408 6.72 18.27 19.18
CA SER A 408 6.56 16.82 19.30
C SER A 408 7.89 16.10 19.60
N CYS A 409 9.01 16.68 19.17
CA CYS A 409 10.32 16.06 19.35
C CYS A 409 11.31 16.90 20.17
N VAL A 410 10.81 17.81 21.00
CA VAL A 410 11.66 18.63 21.86
C VAL A 410 11.17 18.51 23.29
N GLU A 411 12.08 18.13 24.19
CA GLU A 411 11.71 17.98 25.58
C GLU A 411 11.34 19.34 26.15
N LYS A 412 10.33 19.34 27.01
CA LYS A 412 9.79 20.55 27.63
C LYS A 412 10.88 21.55 28.04
N ASP A 413 11.89 21.07 28.76
CA ASP A 413 12.89 21.97 29.33
C ASP A 413 13.88 22.54 28.32
N ASP A 414 13.91 21.99 27.10
CA ASP A 414 14.77 22.51 26.02
C ASP A 414 14.06 23.52 25.11
N ILE A 415 12.73 23.63 25.23
CA ILE A 415 11.97 24.48 24.31
C ILE A 415 12.34 25.96 24.45
N PRO A 416 12.45 26.47 25.69
CA PRO A 416 12.85 27.87 25.82
C PRO A 416 14.18 28.18 25.13
N HIS A 417 15.14 27.26 25.22
CA HIS A 417 16.45 27.43 24.58
C HIS A 417 16.34 27.45 23.06
N VAL A 418 15.51 26.58 22.51
CA VAL A 418 15.29 26.52 21.07
C VAL A 418 14.83 27.89 20.54
N PHE A 419 13.82 28.47 21.19
CA PHE A 419 13.28 29.74 20.74
C PHE A 419 14.19 30.92 21.04
N ASP A 420 14.96 30.83 22.12
CA ASP A 420 16.03 31.76 22.44
C ASP A 420 17.03 31.79 21.30
N SER A 421 17.42 30.61 20.81
CA SER A 421 18.39 30.50 19.73
C SER A 421 17.83 30.98 18.40
N ILE A 422 16.54 30.73 18.17
CA ILE A 422 15.89 31.23 16.96
C ILE A 422 15.91 32.76 16.94
N ALA A 423 15.58 33.38 18.07
CA ALA A 423 15.64 34.84 18.18
C ALA A 423 17.06 35.35 17.94
N LYS A 424 18.04 34.70 18.56
CA LYS A 424 19.44 35.10 18.35
C LYS A 424 19.86 34.99 16.89
N ALA A 425 19.49 33.90 16.23
CA ALA A 425 19.83 33.67 14.83
C ALA A 425 19.19 34.71 13.91
N ILE A 426 17.94 35.07 14.18
CA ILE A 426 17.27 36.14 13.43
C ILE A 426 18.03 37.46 13.55
N ASP A 427 18.42 37.82 14.78
CA ASP A 427 19.22 39.04 14.98
C ASP A 427 20.58 38.99 14.26
N ASP A 428 21.17 37.81 14.15
CA ASP A 428 22.43 37.66 13.41
C ASP A 428 22.30 37.99 11.92
N LEU A 429 21.12 37.75 11.36
CA LEU A 429 20.90 37.87 9.91
C LEU A 429 20.22 39.17 9.46
N ARG A 430 19.84 40.03 10.39
CA ARG A 430 19.24 41.31 10.02
C ARG A 430 20.03 42.48 10.58
N ALA B 2 3.22 20.86 -17.12
CA ALA B 2 3.24 20.89 -15.62
C ALA B 2 4.08 19.80 -14.99
N MET B 3 5.08 19.29 -15.73
CA MET B 3 6.03 18.34 -15.17
C MET B 3 7.01 19.08 -14.26
N ASN B 4 7.30 18.48 -13.12
CA ASN B 4 8.21 19.06 -12.16
C ASN B 4 9.64 19.09 -12.71
N PRO B 5 10.40 20.16 -12.43
CA PRO B 5 11.80 20.20 -12.88
C PRO B 5 12.61 18.97 -12.48
N LEU B 6 12.31 18.40 -11.31
CA LEU B 6 13.04 17.22 -10.85
C LEU B 6 12.75 15.99 -11.72
N ALA B 7 11.50 15.84 -12.15
CA ALA B 7 11.14 14.75 -13.05
C ALA B 7 11.84 14.94 -14.39
N GLN B 8 11.83 16.17 -14.89
CA GLN B 8 12.46 16.48 -16.17
C GLN B 8 13.95 16.15 -16.11
N SER B 9 14.57 16.48 -14.98
CA SER B 9 15.99 16.18 -14.75
C SER B 9 16.29 14.68 -14.81
N LEU B 10 15.48 13.90 -14.10
CA LEU B 10 15.61 12.44 -14.10
C LEU B 10 15.41 11.85 -15.48
N ASN B 11 14.40 12.36 -16.19
CA ASN B 11 14.10 11.90 -17.53
C ASN B 11 15.24 12.14 -18.51
N GLU B 12 15.85 13.32 -18.43
CA GLU B 12 16.96 13.68 -19.32
C GLU B 12 18.17 12.77 -19.07
N GLN B 13 18.44 12.49 -17.79
CA GLN B 13 19.54 11.61 -17.41
C GLN B 13 19.28 10.19 -17.93
N LEU B 14 18.05 9.71 -17.76
CA LEU B 14 17.71 8.37 -18.23
C LEU B 14 17.74 8.27 -19.75
N GLN B 15 17.26 9.31 -20.44
CA GLN B 15 17.33 9.37 -21.91
C GLN B 15 18.74 9.28 -22.47
N GLN B 16 19.69 9.95 -21.82
CA GLN B 16 21.08 9.95 -22.26
C GLN B 16 21.71 8.58 -22.04
N SER B 17 21.41 7.96 -20.90
CA SER B 17 22.08 6.73 -20.47
C SER B 17 21.36 5.47 -20.95
N ASN B 18 20.05 5.52 -21.09
CA ASN B 18 19.25 4.34 -21.43
C ASN B 18 17.95 4.77 -22.08
N ALA B 19 18.05 5.18 -23.33
CA ALA B 19 16.89 5.73 -24.05
C ALA B 19 15.73 4.74 -24.11
N THR B 20 16.04 3.45 -24.24
CA THR B 20 14.98 2.44 -24.28
C THR B 20 14.22 2.33 -22.97
N ALA B 21 14.92 2.36 -21.83
CA ALA B 21 14.25 2.36 -20.54
C ALA B 21 13.34 3.57 -20.42
N PHE B 22 13.81 4.75 -20.83
CA PHE B 22 12.95 5.93 -20.81
C PHE B 22 11.71 5.70 -21.68
N ALA B 23 11.91 5.11 -22.86
CA ALA B 23 10.81 4.87 -23.79
C ALA B 23 9.76 3.90 -23.24
N MET B 24 10.16 3.06 -22.28
CA MET B 24 9.24 2.11 -21.63
C MET B 24 8.33 2.78 -20.60
N LEU B 25 8.68 3.97 -20.12
CA LEU B 25 7.91 4.62 -19.06
C LEU B 25 6.52 5.00 -19.52
N SER B 26 5.56 4.80 -18.63
CA SER B 26 4.22 5.36 -18.80
C SER B 26 4.25 6.87 -18.63
N ASP B 27 3.12 7.53 -18.83
CA ASP B 27 3.02 8.98 -18.59
C ASP B 27 3.31 9.31 -17.12
N LEU B 28 2.71 8.53 -16.21
CA LEU B 28 2.95 8.67 -14.78
C LEU B 28 4.44 8.43 -14.47
N GLY B 29 4.99 7.40 -15.10
CA GLY B 29 6.42 7.08 -14.99
C GLY B 29 7.27 8.28 -15.35
N GLN B 30 6.95 8.94 -16.45
CA GLN B 30 7.68 10.15 -16.84
C GLN B 30 7.53 11.28 -15.82
N ASN B 31 6.34 11.46 -15.27
CA ASN B 31 6.09 12.62 -14.40
C ASN B 31 6.61 12.45 -12.97
N MET B 32 6.88 11.21 -12.57
CA MET B 32 7.28 10.92 -11.20
CA MET B 32 7.25 10.97 -11.17
C MET B 32 8.72 11.30 -10.87
N PHE B 33 8.96 11.62 -9.61
CA PHE B 33 10.25 11.97 -9.11
C PHE B 33 10.13 11.81 -7.61
N TYR B 34 11.25 11.95 -6.93
CA TYR B 34 11.26 11.89 -5.47
C TYR B 34 11.61 13.29 -4.94
N PRO B 35 10.69 13.90 -4.19
CA PRO B 35 10.90 15.30 -3.78
C PRO B 35 12.09 15.50 -2.86
N LYS B 36 12.77 16.64 -3.05
CA LYS B 36 13.85 17.06 -2.18
C LYS B 36 13.26 18.03 -1.16
N GLY B 37 13.88 19.20 -0.97
CA GLY B 37 13.35 20.22 -0.08
C GLY B 37 13.31 19.74 1.35
N ILE B 38 12.16 19.19 1.76
CA ILE B 38 11.91 18.84 3.16
C ILE B 38 12.80 17.70 3.64
N LEU B 39 12.87 16.61 2.87
CA LEU B 39 13.74 15.47 3.19
C LEU B 39 15.17 15.93 3.43
N SER B 40 15.68 16.79 2.53
CA SER B 40 17.03 17.33 2.67
C SER B 40 17.13 18.19 3.94
N GLN B 41 16.13 19.06 4.15
CA GLN B 41 16.07 19.87 5.36
C GLN B 41 16.07 18.99 6.60
N SER B 42 15.22 17.97 6.60
CA SER B 42 15.12 17.03 7.73
C SER B 42 16.40 16.23 7.90
N ALA B 43 17.03 15.85 6.78
CA ALA B 43 18.31 15.15 6.81
C ALA B 43 19.42 16.02 7.41
N GLU B 44 19.49 17.27 6.98
CA GLU B 44 20.46 18.23 7.51
C GLU B 44 20.27 18.50 9.01
N ALA B 45 19.03 18.41 9.48
CA ALA B 45 18.71 18.64 10.90
C ALA B 45 19.29 17.57 11.83
N LYS B 46 19.62 16.40 11.29
CA LYS B 46 20.14 15.29 12.09
C LYS B 46 21.52 15.59 12.70
N SER B 47 22.22 16.58 12.15
CA SER B 47 23.50 17.04 12.68
C SER B 47 23.35 18.06 13.82
N THR B 48 22.11 18.31 14.27
CA THR B 48 21.83 19.31 15.29
C THR B 48 21.51 18.68 16.64
N THR B 49 21.86 19.39 17.71
CA THR B 49 21.60 18.92 19.07
C THR B 49 20.11 18.96 19.37
N TYR B 50 19.46 20.03 18.93
CA TYR B 50 18.01 20.20 19.09
C TYR B 50 17.34 20.13 17.71
N ASN B 51 16.89 18.94 17.37
CA ASN B 51 16.26 18.66 16.07
C ASN B 51 14.76 18.78 16.20
N ALA B 52 14.24 19.95 15.81
CA ALA B 52 12.81 20.25 15.90
C ALA B 52 12.08 20.08 14.55
N THR B 53 12.55 19.15 13.71
CA THR B 53 11.99 18.90 12.37
C THR B 53 11.25 17.57 12.22
N ILE B 54 11.32 16.71 13.24
CA ILE B 54 10.84 15.33 13.12
C ILE B 54 9.32 15.28 13.34
N GLY B 55 8.60 14.71 12.38
CA GLY B 55 7.13 14.58 12.47
C GLY B 55 6.69 13.36 13.26
N MET B 56 7.35 13.11 14.38
CA MET B 56 7.03 12.02 15.29
C MET B 56 7.21 12.54 16.71
N ALA B 57 6.59 11.87 17.67
CA ALA B 57 6.74 12.22 19.08
C ALA B 57 7.97 11.51 19.64
N THR B 58 8.95 12.28 20.11
CA THR B 58 10.19 11.72 20.64
C THR B 58 10.55 12.36 21.97
N ASN B 59 11.49 11.73 22.66
CA ASN B 59 12.10 12.27 23.87
C ASN B 59 13.58 11.92 23.91
N LYS B 60 14.23 12.11 25.06
CA LYS B 60 15.69 11.94 25.22
C LYS B 60 16.29 10.60 24.81
N ASP B 61 15.51 9.52 24.90
CA ASP B 61 16.03 8.19 24.57
C ASP B 61 15.28 7.48 23.44
N GLY B 62 14.50 8.23 22.66
CA GLY B 62 13.93 7.71 21.43
C GLY B 62 12.50 8.16 21.17
N LYS B 63 11.76 7.34 20.44
CA LYS B 63 10.39 7.67 20.10
C LYS B 63 9.54 7.45 21.34
N MET B 64 8.49 8.26 21.46
CA MET B 64 7.47 8.04 22.47
C MET B 64 6.58 6.94 21.92
N PHE B 65 6.18 6.03 22.80
CA PHE B 65 5.33 4.91 22.41
C PHE B 65 4.65 4.37 23.66
N ALA B 66 3.64 3.53 23.46
CA ALA B 66 2.99 2.85 24.57
C ALA B 66 3.73 1.56 24.85
N SER B 67 4.25 1.40 26.07
CA SER B 67 4.95 0.17 26.46
C SER B 67 4.10 -1.08 26.22
N SER B 68 2.78 -0.93 26.34
CA SER B 68 1.84 -2.05 26.12
C SER B 68 1.87 -2.57 24.67
N LEU B 69 2.06 -1.68 23.71
CA LEU B 69 2.25 -2.09 22.30
C LEU B 69 3.64 -2.69 22.12
N ASP B 70 4.65 -2.03 22.66
CA ASP B 70 6.04 -2.52 22.59
C ASP B 70 6.15 -3.93 23.18
N ALA B 71 5.37 -4.19 24.22
CA ALA B 71 5.32 -5.50 24.87
C ALA B 71 4.85 -6.63 23.95
N MET B 72 4.20 -6.30 22.85
CA MET B 72 3.72 -7.32 21.92
C MET B 72 4.82 -7.82 20.97
N PHE B 73 6.04 -7.28 21.10
CA PHE B 73 7.19 -7.73 20.29
C PHE B 73 8.40 -8.17 21.13
N ASN B 74 9.19 -9.06 20.53
CA ASN B 74 10.45 -9.53 21.07
C ASN B 74 11.54 -9.32 20.03
N ASP B 75 12.79 -9.22 20.47
CA ASP B 75 13.96 -9.15 19.59
C ASP B 75 14.08 -7.87 18.73
N LEU B 76 13.03 -7.05 18.70
CA LEU B 76 13.05 -5.79 17.97
C LEU B 76 13.15 -4.63 18.95
N THR B 77 14.00 -3.65 18.64
CA THR B 77 14.07 -2.43 19.46
C THR B 77 12.88 -1.53 19.13
N PRO B 78 12.56 -0.57 20.02
CA PRO B 78 11.50 0.41 19.70
C PRO B 78 11.72 1.08 18.34
N ASP B 79 12.97 1.41 18.02
CA ASP B 79 13.29 1.95 16.69
C ASP B 79 13.06 0.97 15.53
N GLU B 80 12.89 -0.32 15.82
CA GLU B 80 12.54 -1.30 14.78
C GLU B 80 11.03 -1.57 14.68
N ILE B 81 10.25 -0.88 15.52
CA ILE B 81 8.81 -1.13 15.61
C ILE B 81 7.97 0.09 15.25
N PHE B 82 8.22 1.21 15.90
CA PHE B 82 7.29 2.36 15.84
C PHE B 82 7.55 3.44 14.80
N PRO B 83 8.81 3.75 14.50
CA PRO B 83 9.08 4.81 13.50
C PRO B 83 8.60 4.45 12.11
N TYR B 84 8.70 5.42 11.20
CA TYR B 84 8.50 5.19 9.78
C TYR B 84 9.66 4.43 9.20
N ALA B 85 9.36 3.45 8.34
CA ALA B 85 10.33 2.91 7.42
C ALA B 85 10.48 3.93 6.31
N PRO B 86 11.66 3.97 5.67
CA PRO B 86 11.82 4.79 4.47
C PRO B 86 10.89 4.30 3.37
N PRO B 87 10.53 5.17 2.42
CA PRO B 87 9.69 4.72 1.32
C PRO B 87 10.26 3.56 0.51
N GLN B 88 11.59 3.49 0.40
CA GLN B 88 12.28 2.40 -0.33
C GLN B 88 12.49 1.15 0.53
N GLY B 89 12.12 1.24 1.82
CA GLY B 89 12.30 0.15 2.75
C GLY B 89 13.54 0.37 3.59
N ILE B 90 13.64 -0.38 4.68
CA ILE B 90 14.79 -0.33 5.56
C ILE B 90 16.02 -0.75 4.76
N GLU B 91 17.03 0.10 4.77
CA GLU B 91 18.21 -0.14 3.92
C GLU B 91 18.91 -1.45 4.23
N GLU B 92 19.02 -1.83 5.51
CA GLU B 92 19.64 -3.12 5.86
C GLU B 92 18.87 -4.30 5.28
N LEU B 93 17.54 -4.18 5.26
CA LEU B 93 16.70 -5.24 4.71
C LEU B 93 16.97 -5.38 3.22
N ARG B 94 17.08 -4.24 2.53
CA ARG B 94 17.43 -4.26 1.10
C ARG B 94 18.73 -5.01 0.85
N ASP B 95 19.73 -4.72 1.68
CA ASP B 95 21.03 -5.40 1.56
C ASP B 95 20.89 -6.92 1.79
N LEU B 96 20.24 -7.29 2.89
CA LEU B 96 20.09 -8.69 3.24
C LEU B 96 19.28 -9.49 2.23
N TRP B 97 18.29 -8.85 1.61
CA TRP B 97 17.50 -9.54 0.62
C TRP B 97 18.31 -9.72 -0.65
N GLN B 98 19.11 -8.72 -1.00
CA GLN B 98 20.01 -8.85 -2.13
C GLN B 98 21.01 -10.00 -1.94
N GLN B 99 21.56 -10.10 -0.73
CA GLN B 99 22.43 -11.21 -0.37
C GLN B 99 21.70 -12.55 -0.59
N LYS B 100 20.48 -12.66 -0.10
CA LYS B 100 19.70 -13.88 -0.31
C LYS B 100 19.54 -14.18 -1.82
N MET B 101 19.18 -13.18 -2.60
CA MET B 101 19.03 -13.37 -4.04
C MET B 101 20.30 -13.89 -4.68
N LEU B 102 21.42 -13.32 -4.27
CA LEU B 102 22.71 -13.73 -4.83
C LEU B 102 23.02 -15.17 -4.46
N ARG B 103 22.68 -15.56 -3.23
CA ARG B 103 22.87 -16.93 -2.79
C ARG B 103 22.02 -17.93 -3.59
N ASP B 104 20.77 -17.54 -3.81
CA ASP B 104 19.80 -18.35 -4.55
C ASP B 104 20.10 -18.40 -6.05
N ASN B 105 20.79 -17.37 -6.55
CA ASN B 105 21.04 -17.20 -7.98
C ASN B 105 22.54 -17.05 -8.26
N PRO B 106 23.29 -18.17 -8.26
CA PRO B 106 24.74 -18.15 -8.47
C PRO B 106 25.21 -17.45 -9.75
N GLU B 107 24.36 -17.46 -10.79
CA GLU B 107 24.74 -16.89 -12.08
C GLU B 107 24.38 -15.41 -12.18
N LEU B 108 23.75 -14.89 -11.14
CA LEU B 108 23.40 -13.47 -11.06
C LEU B 108 24.53 -12.69 -10.44
N SER B 109 24.84 -11.55 -11.05
CA SER B 109 25.89 -10.66 -10.60
C SER B 109 25.28 -9.42 -10.00
N ILE B 110 25.82 -9.00 -8.86
CA ILE B 110 25.37 -7.78 -8.21
C ILE B 110 25.45 -6.56 -9.15
N ASP B 111 26.41 -6.55 -10.08
CA ASP B 111 26.54 -5.44 -11.03
C ASP B 111 25.42 -5.36 -12.06
N ASN B 112 24.69 -6.45 -12.25
CA ASN B 112 23.64 -6.53 -13.27
C ASN B 112 22.22 -6.33 -12.74
N MET B 113 22.10 -5.84 -11.50
CA MET B 113 20.79 -5.52 -10.93
C MET B 113 20.82 -4.26 -10.09
N SER B 114 19.65 -3.66 -9.90
CA SER B 114 19.47 -2.63 -8.90
C SER B 114 19.43 -3.29 -7.53
N ARG B 115 19.52 -2.48 -6.49
CA ARG B 115 19.30 -2.97 -5.14
C ARG B 115 17.80 -3.12 -4.94
N PRO B 116 17.35 -4.30 -4.50
CA PRO B 116 15.91 -4.51 -4.33
C PRO B 116 15.25 -3.44 -3.47
N ILE B 117 14.13 -2.92 -3.94
CA ILE B 117 13.33 -1.94 -3.21
C ILE B 117 12.18 -2.67 -2.53
N VAL B 118 11.93 -2.35 -1.26
CA VAL B 118 10.88 -2.99 -0.51
C VAL B 118 9.52 -2.48 -0.96
N THR B 119 8.59 -3.39 -1.17
CA THR B 119 7.21 -3.07 -1.50
C THR B 119 6.28 -3.72 -0.47
N ASN B 120 5.01 -3.32 -0.48
CA ASN B 120 3.94 -4.01 0.26
C ASN B 120 3.58 -5.35 -0.41
N ALA B 121 4.55 -6.26 -0.39
CA ALA B 121 4.46 -7.57 -1.01
C ALA B 121 4.32 -7.50 -2.56
N LEU B 122 4.07 -8.65 -3.18
CA LEU B 122 4.21 -8.76 -4.63
C LEU B 122 3.12 -8.02 -5.39
N THR B 123 1.91 -7.97 -4.82
CA THR B 123 0.85 -7.23 -5.49
C THR B 123 1.25 -5.75 -5.67
N HIS B 124 1.84 -5.17 -4.65
CA HIS B 124 2.35 -3.79 -4.71
C HIS B 124 3.43 -3.67 -5.78
N GLY B 125 4.31 -4.66 -5.85
CA GLY B 125 5.26 -4.73 -6.94
C GLY B 125 4.61 -4.70 -8.32
N LEU B 126 3.56 -5.50 -8.50
CA LEU B 126 2.84 -5.52 -9.77
C LEU B 126 2.20 -4.15 -10.06
N SER B 127 1.55 -3.58 -9.05
CA SER B 127 0.97 -2.23 -9.12
C SER B 127 2.02 -1.17 -9.50
N LEU B 128 3.20 -1.27 -8.93
CA LEU B 128 4.32 -0.35 -9.26
C LEU B 128 4.78 -0.53 -10.70
N VAL B 129 4.86 -1.76 -11.18
CA VAL B 129 5.13 -2.00 -12.61
C VAL B 129 4.04 -1.30 -13.46
N GLY B 130 2.78 -1.46 -13.07
CA GLY B 130 1.66 -0.80 -13.76
C GLY B 130 1.80 0.71 -13.80
N ASP B 131 2.18 1.27 -12.65
CA ASP B 131 2.35 2.72 -12.51
C ASP B 131 3.44 3.22 -13.41
N LEU B 132 4.57 2.52 -13.36
CA LEU B 132 5.79 3.00 -13.94
C LEU B 132 5.91 2.72 -15.44
N PHE B 133 5.40 1.59 -15.91
CA PHE B 133 5.63 1.13 -17.27
C PHE B 133 4.39 0.82 -18.10
N VAL B 134 3.19 0.81 -17.53
CA VAL B 134 2.03 0.39 -18.29
C VAL B 134 1.11 1.55 -18.62
N ASN B 135 1.03 1.89 -19.92
CA ASN B 135 0.08 2.89 -20.35
C ASN B 135 -1.25 2.23 -20.66
N GLN B 136 -2.32 3.02 -20.60
CA GLN B 136 -3.59 2.59 -21.15
C GLN B 136 -3.35 2.06 -22.57
N ASP B 137 -4.00 0.93 -22.88
CA ASP B 137 -3.89 0.23 -24.17
C ASP B 137 -2.53 -0.42 -24.47
N ASP B 138 -1.61 -0.46 -23.50
CA ASP B 138 -0.46 -1.37 -23.62
C ASP B 138 -0.95 -2.81 -23.54
N THR B 139 -0.12 -3.74 -23.96
CA THR B 139 -0.48 -5.16 -23.94
C THR B 139 0.33 -5.93 -22.92
N ILE B 140 -0.38 -6.68 -22.09
CA ILE B 140 0.21 -7.64 -21.15
C ILE B 140 0.13 -9.01 -21.84
N LEU B 141 1.28 -9.62 -22.05
CA LEU B 141 1.36 -10.94 -22.66
C LEU B 141 1.64 -11.98 -21.57
N LEU B 142 0.71 -12.91 -21.39
CA LEU B 142 0.81 -13.87 -20.28
C LEU B 142 0.07 -15.17 -20.58
N PRO B 143 0.43 -16.26 -19.88
CA PRO B 143 -0.22 -17.54 -20.11
C PRO B 143 -1.73 -17.50 -19.83
N GLU B 144 -2.49 -18.35 -20.53
CA GLU B 144 -3.94 -18.42 -20.32
C GLU B 144 -4.29 -18.99 -18.94
N HIS B 145 -3.37 -19.78 -18.39
CA HIS B 145 -3.43 -20.18 -16.99
C HIS B 145 -2.69 -19.14 -16.16
N ASN B 146 -3.45 -18.32 -15.44
CA ASN B 146 -2.86 -17.22 -14.69
C ASN B 146 -3.68 -16.81 -13.47
N TRP B 147 -3.09 -15.94 -12.65
CA TRP B 147 -3.72 -15.41 -11.46
C TRP B 147 -4.69 -14.30 -11.84
N GLY B 148 -5.94 -14.44 -11.45
CA GLY B 148 -7.00 -13.51 -11.83
C GLY B 148 -6.76 -12.06 -11.45
N ASN B 149 -5.95 -11.82 -10.41
CA ASN B 149 -5.67 -10.44 -10.06
C ASN B 149 -4.80 -9.70 -11.07
N TYR B 150 -4.08 -10.40 -11.95
CA TYR B 150 -3.36 -9.70 -13.01
C TYR B 150 -4.32 -8.81 -13.81
N LYS B 151 -5.51 -9.31 -14.11
CA LYS B 151 -6.50 -8.55 -14.89
C LYS B 151 -6.95 -7.31 -14.13
N LEU B 152 -7.20 -7.44 -12.83
CA LEU B 152 -7.67 -6.31 -12.05
C LEU B 152 -6.58 -5.25 -11.95
N VAL B 153 -5.34 -5.67 -11.77
CA VAL B 153 -4.22 -4.74 -11.69
C VAL B 153 -3.97 -4.05 -13.03
N PHE B 154 -3.83 -4.83 -14.09
CA PHE B 154 -3.35 -4.28 -15.34
C PHE B 154 -4.45 -3.79 -16.29
N ASN B 155 -5.58 -4.48 -16.34
CA ASN B 155 -6.70 -4.07 -17.19
C ASN B 155 -7.54 -3.06 -16.41
N THR B 156 -8.09 -3.49 -15.28
CA THR B 156 -9.04 -2.63 -14.57
C THR B 156 -8.39 -1.35 -14.04
N ARG B 157 -7.25 -1.47 -13.38
CA ARG B 157 -6.60 -0.29 -12.80
C ARG B 157 -5.79 0.49 -13.83
N ASN B 158 -5.03 -0.21 -14.67
CA ASN B 158 -4.10 0.47 -15.60
C ASN B 158 -4.57 0.62 -17.04
N GLY B 159 -5.69 -0.02 -17.40
CA GLY B 159 -6.27 0.13 -18.72
C GLY B 159 -5.56 -0.60 -19.84
N ALA B 160 -4.72 -1.58 -19.49
CA ALA B 160 -4.02 -2.39 -20.48
C ALA B 160 -4.89 -3.55 -20.99
N ASN B 161 -4.52 -4.12 -22.13
CA ASN B 161 -5.17 -5.30 -22.71
C ASN B 161 -4.39 -6.52 -22.30
N LEU B 162 -5.07 -7.63 -21.98
CA LEU B 162 -4.36 -8.88 -21.74
C LEU B 162 -4.44 -9.75 -23.00
N GLN B 163 -3.30 -10.24 -23.45
CA GLN B 163 -3.23 -11.20 -24.54
C GLN B 163 -2.69 -12.50 -23.98
N THR B 164 -3.45 -13.58 -24.11
CA THR B 164 -3.02 -14.85 -23.52
C THR B 164 -2.47 -15.81 -24.57
N TYR B 165 -1.64 -16.74 -24.10
CA TYR B 165 -1.12 -17.83 -24.91
C TYR B 165 -1.16 -19.11 -24.07
N PRO B 166 -1.44 -20.26 -24.69
CA PRO B 166 -1.40 -21.53 -23.93
C PRO B 166 0.01 -21.90 -23.47
N ILE B 167 0.11 -22.54 -22.31
CA ILE B 167 1.37 -23.15 -21.88
C ILE B 167 1.31 -24.66 -21.66
N PHE B 168 0.14 -25.27 -21.91
CA PHE B 168 0.01 -26.72 -21.90
C PHE B 168 -0.64 -27.21 -23.17
N ASP B 169 -0.17 -28.34 -23.66
CA ASP B 169 -0.65 -28.90 -24.93
C ASP B 169 -1.91 -29.72 -24.67
N LYS B 170 -2.38 -30.41 -25.72
CA LYS B 170 -3.50 -31.34 -25.64
C LYS B 170 -3.49 -32.31 -24.48
N ASP B 171 -2.32 -32.86 -24.20
CA ASP B 171 -2.18 -33.95 -23.25
C ASP B 171 -1.90 -33.45 -21.82
N GLY B 172 -2.02 -32.14 -21.61
CA GLY B 172 -1.78 -31.53 -20.32
C GLY B 172 -0.31 -31.31 -20.00
N HIS B 173 0.56 -31.49 -20.98
CA HIS B 173 1.98 -31.32 -20.76
C HIS B 173 2.42 -29.91 -21.15
N TYR B 174 3.36 -29.39 -20.38
CA TYR B 174 3.86 -28.04 -20.61
C TYR B 174 4.51 -27.95 -21.97
N THR B 175 4.33 -26.80 -22.63
CA THR B 175 4.91 -26.55 -23.96
C THR B 175 5.29 -25.08 -24.09
N THR B 176 6.43 -24.81 -24.73
CA THR B 176 6.86 -23.45 -25.04
C THR B 176 6.43 -23.05 -26.46
N ASP B 177 5.87 -24.00 -27.21
CA ASP B 177 5.56 -23.78 -28.63
C ASP B 177 4.62 -22.60 -28.85
N SER B 178 3.60 -22.47 -28.00
CA SER B 178 2.61 -21.42 -28.17
C SER B 178 3.14 -20.04 -27.78
N LEU B 179 4.03 -19.98 -26.78
CA LEU B 179 4.73 -18.74 -26.46
C LEU B 179 5.59 -18.27 -27.62
N VAL B 180 6.38 -19.19 -28.18
CA VAL B 180 7.24 -18.85 -29.31
C VAL B 180 6.42 -18.33 -30.49
N GLU B 181 5.31 -18.99 -30.78
CA GLU B 181 4.41 -18.57 -31.84
C GLU B 181 3.85 -17.17 -31.56
N ALA B 182 3.44 -16.93 -30.32
CA ALA B 182 2.94 -15.62 -29.91
C ALA B 182 3.98 -14.50 -30.06
N LEU B 183 5.22 -14.79 -29.68
CA LEU B 183 6.31 -13.81 -29.80
C LEU B 183 6.66 -13.54 -31.27
N GLN B 184 6.58 -14.57 -32.10
CA GLN B 184 6.90 -14.43 -33.53
C GLN B 184 5.88 -13.61 -34.30
N SER B 185 4.62 -13.65 -33.87
CA SER B 185 3.54 -12.91 -34.51
C SER B 185 3.26 -11.56 -33.84
N TYR B 186 3.90 -11.29 -32.71
CA TYR B 186 3.61 -10.09 -31.93
C TYR B 186 3.95 -8.84 -32.74
N ASN B 187 2.99 -7.92 -32.85
CA ASN B 187 3.07 -6.83 -33.83
C ASN B 187 3.10 -5.41 -33.29
N LYS B 188 3.41 -5.25 -32.00
CA LYS B 188 3.49 -3.93 -31.38
C LYS B 188 4.93 -3.60 -30.98
N ASP B 189 5.21 -2.31 -30.73
CA ASP B 189 6.56 -1.86 -30.38
C ASP B 189 6.91 -2.01 -28.91
N LYS B 190 5.96 -2.46 -28.10
CA LYS B 190 6.16 -2.62 -26.65
C LYS B 190 5.27 -3.76 -26.19
N VAL B 191 5.79 -4.56 -25.27
CA VAL B 191 5.01 -5.56 -24.58
C VAL B 191 5.43 -5.63 -23.12
N ILE B 192 4.47 -5.92 -22.25
CA ILE B 192 4.77 -6.26 -20.87
C ILE B 192 4.44 -7.74 -20.74
N MET B 193 5.46 -8.56 -20.43
CA MET B 193 5.27 -9.98 -20.25
C MET B 193 5.22 -10.28 -18.77
N ILE B 194 4.32 -11.19 -18.37
CA ILE B 194 4.33 -11.74 -17.03
C ILE B 194 4.73 -13.21 -17.08
N LEU B 195 5.78 -13.55 -16.34
CA LEU B 195 6.26 -14.91 -16.23
C LEU B 195 6.13 -15.31 -14.78
N ASN B 196 5.35 -16.34 -14.50
CA ASN B 196 5.04 -16.74 -13.12
C ASN B 196 5.27 -18.24 -12.96
N TYR B 197 6.45 -18.58 -12.46
CA TYR B 197 6.85 -19.97 -12.26
C TYR B 197 7.62 -20.06 -10.93
N PRO B 198 7.15 -20.89 -9.97
CA PRO B 198 6.03 -21.81 -10.09
C PRO B 198 4.74 -21.07 -10.37
N ASN B 199 3.90 -21.72 -11.17
CA ASN B 199 2.68 -21.12 -11.67
C ASN B 199 1.50 -21.27 -10.73
N ASN B 200 0.72 -20.19 -10.64
CA ASN B 200 -0.64 -20.20 -10.15
C ASN B 200 -1.46 -20.14 -11.43
N PRO B 201 -2.27 -21.15 -11.71
CA PRO B 201 -2.79 -22.19 -10.81
C PRO B 201 -2.24 -23.60 -10.98
N THR B 202 -1.25 -23.80 -11.85
CA THR B 202 -0.88 -25.16 -12.23
C THR B 202 0.27 -25.77 -11.46
N GLY B 203 1.04 -24.95 -10.74
CA GLY B 203 2.17 -25.46 -9.95
C GLY B 203 3.30 -25.99 -10.81
N TYR B 204 3.45 -25.44 -12.01
CA TYR B 204 4.52 -25.86 -12.92
C TYR B 204 5.69 -24.87 -12.89
N THR B 205 6.90 -25.43 -12.84
CA THR B 205 8.14 -24.67 -13.05
C THR B 205 8.89 -25.34 -14.20
N PRO B 206 9.36 -24.55 -15.18
CA PRO B 206 10.04 -25.15 -16.33
C PRO B 206 11.44 -25.69 -16.04
N THR B 207 11.88 -26.59 -16.90
CA THR B 207 13.24 -27.12 -16.89
C THR B 207 14.20 -26.05 -17.42
N HIS B 208 15.50 -26.24 -17.23
CA HIS B 208 16.45 -25.26 -17.77
C HIS B 208 16.33 -25.22 -19.29
N LYS B 209 16.10 -26.37 -19.91
CA LYS B 209 15.85 -26.47 -21.35
C LYS B 209 14.74 -25.54 -21.80
N GLU B 210 13.62 -25.60 -21.09
CA GLU B 210 12.47 -24.80 -21.40
C GLU B 210 12.72 -23.31 -21.16
N VAL B 211 13.40 -22.98 -20.06
CA VAL B 211 13.78 -21.60 -19.77
C VAL B 211 14.66 -20.99 -20.87
N THR B 212 15.65 -21.76 -21.32
CA THR B 212 16.51 -21.33 -22.43
C THR B 212 15.67 -20.98 -23.66
N THR B 213 14.75 -21.86 -24.03
CA THR B 213 13.85 -21.62 -25.16
C THR B 213 13.04 -20.34 -24.96
N ILE B 214 12.49 -20.16 -23.77
CA ILE B 214 11.69 -18.98 -23.47
C ILE B 214 12.50 -17.69 -23.61
N VAL B 215 13.68 -17.64 -23.00
CA VAL B 215 14.48 -16.41 -22.98
C VAL B 215 15.11 -16.13 -24.35
N GLU B 216 15.47 -17.16 -25.09
CA GLU B 216 15.95 -16.97 -26.47
C GLU B 216 14.84 -16.40 -27.36
N ALA B 217 13.62 -16.87 -27.16
CA ALA B 217 12.45 -16.38 -27.90
C ALA B 217 12.17 -14.90 -27.59
N ILE B 218 12.32 -14.53 -26.32
CA ILE B 218 12.13 -13.15 -25.88
C ILE B 218 13.23 -12.25 -26.47
N LYS B 219 14.46 -12.74 -26.48
CA LYS B 219 15.57 -12.01 -27.10
C LYS B 219 15.34 -11.77 -28.60
N ALA B 220 14.73 -12.74 -29.26
CA ALA B 220 14.45 -12.64 -30.70
C ALA B 220 13.42 -11.55 -30.95
N LEU B 221 12.42 -11.47 -30.08
CA LEU B 221 11.41 -10.43 -30.16
C LEU B 221 12.03 -9.05 -29.95
N ALA B 222 12.85 -8.93 -28.91
CA ALA B 222 13.54 -7.68 -28.59
C ALA B 222 14.34 -7.19 -29.78
N ASN B 223 15.04 -8.10 -30.45
CA ASN B 223 15.86 -7.74 -31.60
C ASN B 223 15.06 -7.35 -32.85
N LYS B 224 13.78 -7.71 -32.91
CA LYS B 224 12.88 -7.26 -33.98
C LYS B 224 12.37 -5.81 -33.82
N GLY B 225 12.65 -5.21 -32.67
CA GLY B 225 12.28 -3.81 -32.39
C GLY B 225 11.20 -3.61 -31.34
N THR B 226 10.80 -4.68 -30.65
CA THR B 226 9.83 -4.57 -29.57
C THR B 226 10.56 -4.43 -28.23
N LYS B 227 10.19 -3.40 -27.47
CA LYS B 227 10.70 -3.19 -26.13
C LYS B 227 9.95 -4.15 -25.22
N VAL B 228 10.67 -4.92 -24.40
CA VAL B 228 10.06 -5.95 -23.57
C VAL B 228 10.30 -5.62 -22.10
N ILE B 229 9.20 -5.38 -21.37
CA ILE B 229 9.24 -5.38 -19.91
C ILE B 229 8.87 -6.78 -19.46
N ALA B 230 9.84 -7.48 -18.86
CA ALA B 230 9.65 -8.88 -18.52
C ALA B 230 9.49 -8.98 -17.01
N VAL B 231 8.24 -9.04 -16.57
CA VAL B 231 7.91 -9.13 -15.18
C VAL B 231 8.00 -10.59 -14.74
N VAL B 232 8.87 -10.83 -13.77
CA VAL B 232 9.07 -12.16 -13.25
C VAL B 232 8.41 -12.20 -11.88
N ASP B 233 7.26 -12.87 -11.81
CA ASP B 233 6.48 -12.96 -10.60
C ASP B 233 6.94 -14.20 -9.85
N ASP B 234 7.79 -14.00 -8.86
CA ASP B 234 8.40 -15.10 -8.13
C ASP B 234 7.70 -15.39 -6.79
N ALA B 235 6.38 -15.25 -6.76
CA ALA B 235 5.57 -15.53 -5.57
C ALA B 235 5.90 -16.87 -4.90
N TYR B 236 6.05 -17.93 -5.69
CA TYR B 236 6.27 -19.29 -5.14
C TYR B 236 7.70 -19.75 -5.31
N TYR B 237 8.62 -18.79 -5.51
CA TYR B 237 10.02 -19.13 -5.71
C TYR B 237 10.59 -19.99 -4.56
N GLY B 238 11.34 -21.01 -4.94
CA GLY B 238 12.01 -21.89 -3.99
C GLY B 238 11.24 -23.15 -3.65
N LEU B 239 9.95 -23.18 -3.96
CA LEU B 239 9.11 -24.33 -3.67
C LEU B 239 9.20 -25.33 -4.80
N PHE B 240 10.38 -25.92 -4.98
CA PHE B 240 10.66 -26.79 -6.12
C PHE B 240 10.74 -28.23 -5.67
N TYR B 241 9.95 -29.12 -6.30
CA TYR B 241 9.87 -30.52 -5.86
C TYR B 241 10.46 -31.53 -6.86
N GLU B 242 10.91 -31.04 -8.01
CA GLU B 242 11.57 -31.86 -9.03
C GLU B 242 12.81 -31.13 -9.55
N ASP B 243 13.55 -31.81 -10.43
CA ASP B 243 14.77 -31.27 -11.03
C ASP B 243 14.41 -30.28 -12.13
N VAL B 244 14.14 -29.04 -11.72
CA VAL B 244 13.77 -27.97 -12.63
C VAL B 244 14.78 -26.83 -12.54
N TYR B 245 14.59 -25.79 -13.34
CA TYR B 245 15.38 -24.58 -13.22
C TYR B 245 15.09 -23.97 -11.85
N THR B 246 16.12 -23.81 -11.02
CA THR B 246 15.90 -23.34 -9.64
C THR B 246 16.42 -21.92 -9.38
N GLN B 247 16.97 -21.27 -10.39
CA GLN B 247 17.21 -19.84 -10.32
C GLN B 247 15.95 -19.12 -10.80
N SER B 248 15.85 -17.83 -10.47
CA SER B 248 14.76 -17.01 -10.99
C SER B 248 14.94 -16.82 -12.50
N LEU B 249 13.83 -16.75 -13.21
CA LEU B 249 13.89 -16.43 -14.64
C LEU B 249 14.47 -15.01 -14.83
N PHE B 250 14.42 -14.20 -13.77
CA PHE B 250 15.07 -12.90 -13.76
C PHE B 250 16.56 -12.99 -14.11
N THR B 251 17.21 -14.02 -13.55
CA THR B 251 18.64 -14.25 -13.79
C THR B 251 18.88 -14.59 -15.26
N ALA B 252 18.14 -15.56 -15.78
CA ALA B 252 18.22 -15.94 -17.18
C ALA B 252 18.04 -14.73 -18.09
N LEU B 253 17.05 -13.90 -17.78
CA LEU B 253 16.70 -12.75 -18.61
C LEU B 253 17.73 -11.63 -18.51
N THR B 254 18.23 -11.39 -17.30
CA THR B 254 19.23 -10.35 -17.08
C THR B 254 20.54 -10.72 -17.79
N ASN B 255 20.85 -12.00 -17.81
CA ASN B 255 22.08 -12.49 -18.44
C ASN B 255 22.04 -12.47 -19.98
N LEU B 256 20.91 -12.08 -20.56
CA LEU B 256 20.82 -11.81 -22.00
C LEU B 256 21.55 -10.51 -22.39
N HIS B 257 21.62 -9.55 -21.47
CA HIS B 257 22.27 -8.26 -21.74
C HIS B 257 21.72 -7.58 -23.01
N SER B 258 20.41 -7.40 -23.07
CA SER B 258 19.76 -6.65 -24.15
C SER B 258 19.22 -5.38 -23.53
N ASN B 259 19.49 -4.20 -24.11
CA ASN B 259 18.87 -2.99 -23.53
C ASN B 259 17.39 -2.86 -23.89
N ALA B 260 16.92 -3.70 -24.81
CA ALA B 260 15.50 -3.74 -25.18
C ALA B 260 14.66 -4.71 -24.34
N ILE B 261 15.26 -5.36 -23.34
CA ILE B 261 14.54 -6.19 -22.38
C ILE B 261 14.86 -5.63 -20.99
N LEU B 262 13.84 -5.24 -20.25
CA LEU B 262 14.01 -4.87 -18.84
C LEU B 262 13.34 -5.91 -17.95
N PRO B 263 14.14 -6.83 -17.40
CA PRO B 263 13.64 -7.78 -16.43
C PRO B 263 13.30 -7.07 -15.11
N ILE B 264 12.17 -7.41 -14.54
CA ILE B 264 11.77 -6.90 -13.23
C ILE B 264 11.39 -8.09 -12.36
N ARG B 265 12.11 -8.28 -11.26
CA ARG B 265 11.80 -9.37 -10.38
C ARG B 265 10.94 -8.84 -9.24
N LEU B 266 9.83 -9.54 -9.01
CA LEU B 266 8.99 -9.34 -7.85
C LEU B 266 9.06 -10.62 -7.01
N ASP B 267 9.57 -10.49 -5.78
CA ASP B 267 9.62 -11.62 -4.88
C ASP B 267 9.38 -11.09 -3.48
N GLY B 268 9.40 -11.96 -2.49
CA GLY B 268 9.09 -11.50 -1.14
C GLY B 268 8.89 -12.61 -0.14
N ALA B 269 8.55 -12.16 1.07
CA ALA B 269 8.38 -13.04 2.22
C ALA B 269 7.06 -13.79 2.18
N THR B 270 6.11 -13.27 1.41
CA THR B 270 4.74 -13.76 1.40
C THR B 270 4.61 -15.28 1.48
N LYS B 271 5.14 -15.98 0.48
CA LYS B 271 5.07 -17.43 0.46
C LYS B 271 6.41 -18.10 0.79
N GLU B 272 7.52 -17.50 0.39
CA GLU B 272 8.85 -18.02 0.73
C GLU B 272 9.06 -18.21 2.24
N PHE B 273 8.57 -17.26 3.03
CA PHE B 273 8.77 -17.25 4.48
C PHE B 273 7.46 -17.55 5.23
N PHE B 274 6.43 -17.99 4.51
CA PHE B 274 5.17 -18.39 5.13
C PHE B 274 4.64 -17.23 5.97
N ALA B 275 4.59 -16.06 5.33
CA ALA B 275 4.32 -14.79 5.99
C ALA B 275 3.43 -13.90 5.14
N TRP B 276 2.27 -14.45 4.77
CA TRP B 276 1.34 -13.84 3.80
C TRP B 276 0.91 -12.45 4.23
N GLY B 277 0.54 -12.30 5.52
CA GLY B 277 0.07 -11.04 6.03
C GLY B 277 1.10 -10.00 6.41
N PHE B 278 2.39 -10.34 6.28
CA PHE B 278 3.48 -9.40 6.64
C PHE B 278 3.55 -8.23 5.67
N ARG B 279 3.25 -8.49 4.40
CA ARG B 279 3.29 -7.50 3.33
C ARG B 279 4.69 -6.93 3.11
N VAL B 280 5.65 -7.84 3.01
CA VAL B 280 7.03 -7.53 2.69
C VAL B 280 7.43 -8.24 1.40
N GLY B 281 7.70 -7.44 0.40
CA GLY B 281 8.19 -7.93 -0.88
C GLY B 281 9.21 -6.97 -1.44
N PHE B 282 9.69 -7.28 -2.64
CA PHE B 282 10.82 -6.58 -3.24
C PHE B 282 10.68 -6.46 -4.76
N MET B 283 11.17 -5.34 -5.29
CA MET B 283 11.18 -5.07 -6.72
C MET B 283 12.63 -4.80 -7.14
N THR B 284 13.13 -5.59 -8.09
CA THR B 284 14.51 -5.49 -8.57
C THR B 284 14.53 -5.39 -10.10
N PHE B 285 15.35 -4.47 -10.62
CA PHE B 285 15.50 -4.25 -12.07
C PHE B 285 16.79 -4.91 -12.58
N GLY B 286 16.69 -5.56 -13.74
CA GLY B 286 17.83 -6.18 -14.40
C GLY B 286 18.47 -5.19 -15.36
N THR B 287 19.51 -4.55 -14.88
CA THR B 287 20.25 -3.56 -15.65
C THR B 287 21.64 -3.44 -15.07
N SER B 288 22.61 -3.16 -15.94
CA SER B 288 24.00 -2.95 -15.50
C SER B 288 24.33 -1.46 -15.50
N ASP B 289 23.34 -0.62 -15.80
CA ASP B 289 23.57 0.80 -15.95
C ASP B 289 23.25 1.56 -14.67
N GLN B 290 24.25 2.22 -14.12
CA GLN B 290 24.09 2.91 -12.84
C GLN B 290 23.01 3.97 -12.93
N THR B 291 23.01 4.77 -14.00
CA THR B 291 22.02 5.85 -14.14
C THR B 291 20.59 5.30 -14.15
N THR B 292 20.39 4.22 -14.87
CA THR B 292 19.09 3.54 -14.90
C THR B 292 18.67 3.11 -13.50
N LYS B 293 19.60 2.49 -12.77
CA LYS B 293 19.32 2.07 -11.39
C LYS B 293 18.86 3.24 -10.52
N GLU B 294 19.56 4.35 -10.61
CA GLU B 294 19.29 5.52 -9.79
C GLU B 294 17.98 6.21 -10.16
N VAL B 295 17.73 6.37 -11.45
CA VAL B 295 16.52 7.07 -11.89
C VAL B 295 15.28 6.24 -11.59
N LEU B 296 15.33 4.95 -11.88
CA LEU B 296 14.20 4.07 -11.57
C LEU B 296 13.95 4.01 -10.06
N GLU B 297 15.01 3.97 -9.25
CA GLU B 297 14.80 3.99 -7.79
C GLU B 297 14.13 5.29 -7.35
N ALA B 298 14.58 6.41 -7.88
CA ALA B 298 13.97 7.71 -7.55
C ALA B 298 12.49 7.72 -7.87
N LYS B 299 12.15 7.26 -9.07
CA LYS B 299 10.74 7.22 -9.52
C LYS B 299 9.88 6.27 -8.69
N VAL B 300 10.43 5.11 -8.34
CA VAL B 300 9.70 4.15 -7.50
C VAL B 300 9.46 4.71 -6.10
N LYS B 301 10.46 5.38 -5.56
CA LYS B 301 10.33 6.03 -4.27
C LYS B 301 9.16 7.04 -4.29
N GLY B 302 9.09 7.83 -5.36
CA GLY B 302 8.03 8.77 -5.56
C GLY B 302 6.69 8.09 -5.68
N LEU B 303 6.65 6.99 -6.44
CA LEU B 303 5.43 6.20 -6.57
C LEU B 303 4.95 5.63 -5.24
N ILE B 304 5.88 5.14 -4.43
CA ILE B 304 5.50 4.59 -3.13
C ILE B 304 5.06 5.69 -2.17
N ARG B 305 5.83 6.78 -2.12
CA ARG B 305 5.52 7.93 -1.27
C ARG B 305 4.11 8.50 -1.57
N SER B 306 3.75 8.54 -2.85
CA SER B 306 2.48 9.11 -3.28
C SER B 306 1.30 8.12 -3.26
N ASN B 307 1.54 6.90 -2.78
CA ASN B 307 0.56 5.82 -2.75
C ASN B 307 0.33 5.34 -1.29
N ILE B 308 1.35 4.77 -0.67
CA ILE B 308 1.23 4.27 0.71
C ILE B 308 2.17 4.97 1.72
N SER B 309 3.03 5.88 1.22
CA SER B 309 4.08 6.56 1.97
C SER B 309 5.24 5.63 2.27
N SER B 310 4.95 4.55 3.00
CA SER B 310 5.93 3.54 3.34
C SER B 310 5.22 2.28 3.81
N GLY B 311 5.98 1.19 3.88
CA GLY B 311 5.44 -0.08 4.30
C GLY B 311 5.59 -0.32 5.79
N PRO B 312 5.08 -1.45 6.27
CA PRO B 312 5.09 -1.73 7.71
C PRO B 312 6.47 -1.98 8.30
N LEU B 313 6.88 -1.15 9.26
CA LEU B 313 8.22 -1.32 9.85
C LEU B 313 8.36 -2.61 10.64
N PRO B 314 7.39 -2.94 11.53
CA PRO B 314 7.58 -4.15 12.33
C PRO B 314 7.79 -5.42 11.51
N THR B 315 7.08 -5.58 10.39
CA THR B 315 7.24 -6.79 9.61
C THR B 315 8.48 -6.73 8.73
N GLN B 316 8.86 -5.54 8.26
CA GLN B 316 10.17 -5.35 7.62
C GLN B 316 11.30 -5.71 8.59
N SER B 317 11.20 -5.25 9.84
CA SER B 317 12.22 -5.53 10.82
C SER B 317 12.28 -7.02 11.14
N ALA B 318 11.11 -7.67 11.23
CA ALA B 318 11.05 -9.10 11.51
C ALA B 318 11.74 -9.91 10.41
N VAL B 319 11.46 -9.56 9.16
CA VAL B 319 12.07 -10.23 8.02
C VAL B 319 13.60 -9.97 7.99
N LYS B 320 14.01 -8.73 8.23
CA LYS B 320 15.43 -8.35 8.32
C LYS B 320 16.17 -9.27 9.28
N HIS B 321 15.59 -9.50 10.45
CA HIS B 321 16.25 -10.31 11.47
C HIS B 321 16.51 -11.74 11.01
N VAL B 322 15.51 -12.38 10.40
CA VAL B 322 15.60 -13.80 10.08
C VAL B 322 16.48 -14.04 8.85
N LEU B 323 16.78 -12.96 8.12
CA LEU B 323 17.73 -13.03 7.00
C LEU B 323 19.21 -13.08 7.42
N LYS B 324 19.51 -12.81 8.68
CA LYS B 324 20.91 -12.66 9.11
C LYS B 324 21.53 -14.01 9.46
N ASN B 325 21.61 -14.89 8.47
CA ASN B 325 22.15 -16.24 8.65
C ASN B 325 21.62 -16.91 9.93
N ASN B 326 20.30 -16.95 10.04
CA ASN B 326 19.62 -17.56 11.17
C ASN B 326 19.35 -19.01 10.82
N LYS B 327 20.19 -19.91 11.32
CA LYS B 327 20.12 -21.34 10.96
C LYS B 327 18.81 -21.99 11.44
N GLN B 328 18.29 -21.58 12.59
CA GLN B 328 17.04 -22.17 13.08
C GLN B 328 15.89 -21.83 12.11
N PHE B 329 15.81 -20.57 11.70
CA PHE B 329 14.79 -20.14 10.74
C PHE B 329 14.95 -20.89 9.42
N ASP B 330 16.19 -21.01 8.95
CA ASP B 330 16.49 -21.76 7.72
C ASP B 330 15.90 -23.18 7.79
N LYS B 331 16.10 -23.84 8.93
CA LYS B 331 15.64 -25.21 9.16
C LYS B 331 14.12 -25.27 9.20
N GLU B 332 13.50 -24.28 9.81
CA GLU B 332 12.04 -24.21 9.88
C GLU B 332 11.42 -24.07 8.49
N ILE B 333 11.98 -23.19 7.68
CA ILE B 333 11.54 -23.01 6.29
C ILE B 333 11.73 -24.31 5.50
N GLU B 334 12.91 -24.92 5.64
CA GLU B 334 13.21 -26.19 4.99
C GLU B 334 12.23 -27.29 5.39
N GLN B 335 11.90 -27.34 6.68
CA GLN B 335 10.92 -28.31 7.20
C GLN B 335 9.57 -28.08 6.53
N ASN B 336 9.14 -26.83 6.53
CA ASN B 336 7.85 -26.47 5.92
C ASN B 336 7.78 -26.80 4.44
N ILE B 337 8.86 -26.50 3.71
CA ILE B 337 8.91 -26.83 2.29
C ILE B 337 8.91 -28.35 2.07
N GLN B 338 9.60 -29.08 2.93
CA GLN B 338 9.62 -30.55 2.88
C GLN B 338 8.21 -31.13 3.06
N THR B 339 7.42 -30.53 3.94
CA THR B 339 6.02 -30.94 4.13
C THR B 339 5.25 -30.78 2.81
N LEU B 340 5.44 -29.63 2.16
CA LEU B 340 4.80 -29.37 0.89
C LEU B 340 5.23 -30.35 -0.19
N LYS B 341 6.53 -30.64 -0.24
CA LYS B 341 7.10 -31.62 -1.17
C LYS B 341 6.52 -33.02 -0.97
N GLU B 342 6.35 -33.45 0.28
CA GLU B 342 5.74 -34.75 0.56
C GLU B 342 4.25 -34.77 0.15
N ARG B 343 3.55 -33.66 0.38
CA ARG B 343 2.16 -33.54 -0.10
C ARG B 343 2.09 -33.58 -1.62
N TYR B 344 2.99 -32.86 -2.27
CA TYR B 344 3.14 -32.93 -3.73
C TYR B 344 3.34 -34.38 -4.19
N GLU B 345 4.21 -35.13 -3.49
CA GLU B 345 4.52 -36.51 -3.87
C GLU B 345 3.28 -37.41 -3.81
N VAL B 346 2.47 -37.24 -2.77
CA VAL B 346 1.23 -38.01 -2.61
C VAL B 346 0.22 -37.62 -3.69
N THR B 347 0.14 -36.32 -3.98
CA THR B 347 -0.76 -35.79 -5.00
C THR B 347 -0.42 -36.39 -6.36
N LYS B 348 0.87 -36.46 -6.67
CA LYS B 348 1.34 -37.07 -7.92
C LYS B 348 0.96 -38.56 -8.00
N GLU B 349 1.06 -39.28 -6.90
CA GLU B 349 0.77 -40.71 -6.90
C GLU B 349 -0.70 -40.96 -7.12
N VAL B 350 -1.54 -40.09 -6.54
CA VAL B 350 -2.98 -40.25 -6.59
C VAL B 350 -3.56 -39.75 -7.91
N VAL B 351 -3.17 -38.54 -8.33
CA VAL B 351 -3.80 -37.92 -9.51
C VAL B 351 -3.54 -38.69 -10.81
N TYR B 352 -2.40 -39.38 -10.91
CA TYR B 352 -2.07 -40.16 -12.11
C TYR B 352 -2.39 -41.66 -12.03
N ALA B 353 -3.11 -42.07 -10.98
CA ALA B 353 -3.50 -43.48 -10.85
C ALA B 353 -4.46 -43.88 -11.96
N ASP B 354 -4.25 -45.09 -12.49
CA ASP B 354 -5.02 -45.61 -13.64
C ASP B 354 -6.53 -45.48 -13.47
N GLN B 355 -7.02 -45.71 -12.26
CA GLN B 355 -8.46 -45.69 -11.96
C GLN B 355 -9.16 -44.36 -12.23
N TYR B 356 -8.39 -43.26 -12.31
CA TYR B 356 -8.96 -41.94 -12.55
C TYR B 356 -8.73 -41.42 -13.96
N HIS B 357 -8.24 -42.28 -14.85
CA HIS B 357 -7.89 -41.83 -16.20
C HIS B 357 -9.14 -41.37 -16.96
N SER B 358 -10.29 -41.98 -16.66
CA SER B 358 -11.57 -41.55 -17.21
C SER B 358 -12.16 -40.29 -16.56
N HIS B 359 -11.62 -39.88 -15.41
CA HIS B 359 -12.19 -38.78 -14.62
C HIS B 359 -11.59 -37.41 -14.94
N TRP B 360 -10.28 -37.37 -15.18
CA TRP B 360 -9.58 -36.10 -15.43
C TRP B 360 -8.25 -36.33 -16.12
N GLN B 361 -7.67 -35.22 -16.55
CA GLN B 361 -6.32 -35.18 -17.08
C GLN B 361 -5.62 -34.05 -16.33
N ALA B 362 -4.63 -34.40 -15.52
CA ALA B 362 -3.86 -33.42 -14.77
C ALA B 362 -2.96 -32.59 -15.70
N TYR B 363 -2.84 -31.30 -15.41
CA TYR B 363 -1.78 -30.49 -16.00
C TYR B 363 -0.49 -30.75 -15.26
N ASP B 364 0.64 -30.77 -15.97
CA ASP B 364 1.95 -31.02 -15.35
C ASP B 364 2.15 -30.11 -14.14
N PHE B 365 2.68 -30.67 -13.06
CA PHE B 365 2.98 -29.91 -11.85
C PHE B 365 4.22 -30.47 -11.16
N ASN B 366 4.98 -29.60 -10.52
CA ASN B 366 6.23 -30.01 -9.85
C ASN B 366 6.74 -29.03 -8.77
N SER B 367 5.87 -28.14 -8.28
CA SER B 367 6.28 -27.00 -7.47
C SER B 367 5.09 -26.23 -6.92
N GLY B 368 5.36 -25.29 -6.02
CA GLY B 368 4.35 -24.36 -5.55
C GLY B 368 3.34 -24.97 -4.60
N TYR B 369 2.11 -24.45 -4.70
CA TYR B 369 0.99 -24.75 -3.79
C TYR B 369 -0.11 -25.60 -4.39
N PHE B 370 -0.23 -25.51 -5.71
CA PHE B 370 -1.43 -25.91 -6.41
C PHE B 370 -1.09 -26.87 -7.53
N MET B 371 -2.11 -27.61 -7.97
CA MET B 371 -2.06 -28.26 -9.26
C MET B 371 -3.46 -28.14 -9.82
N ALA B 372 -3.57 -28.35 -11.12
CA ALA B 372 -4.84 -28.23 -11.80
C ALA B 372 -5.14 -29.50 -12.60
N ILE B 373 -6.45 -29.80 -12.72
CA ILE B 373 -6.90 -30.93 -13.51
C ILE B 373 -7.99 -30.47 -14.47
N LYS B 374 -7.96 -31.00 -15.69
CA LYS B 374 -9.03 -30.82 -16.66
C LYS B 374 -10.02 -31.93 -16.41
N VAL B 375 -11.21 -31.59 -15.94
CA VAL B 375 -12.22 -32.59 -15.61
C VAL B 375 -12.98 -33.01 -16.87
N HIS B 376 -13.12 -34.32 -17.07
CA HIS B 376 -13.76 -34.87 -18.28
C HIS B 376 -15.29 -34.92 -18.15
N ASP B 377 -15.98 -34.62 -19.26
CA ASP B 377 -17.41 -34.86 -19.41
C ASP B 377 -18.35 -34.22 -18.38
N VAL B 378 -17.84 -33.26 -17.60
CA VAL B 378 -18.67 -32.57 -16.60
C VAL B 378 -18.27 -31.10 -16.47
N ASP B 379 -19.21 -30.28 -16.02
CA ASP B 379 -18.95 -28.87 -15.80
C ASP B 379 -18.20 -28.69 -14.49
N PRO B 380 -17.03 -27.99 -14.52
CA PRO B 380 -16.29 -27.73 -13.28
C PRO B 380 -17.08 -26.96 -12.23
N GLU B 381 -18.07 -26.16 -12.64
CA GLU B 381 -18.88 -25.42 -11.69
C GLU B 381 -19.87 -26.33 -10.96
N ALA B 382 -20.57 -27.17 -11.73
CA ALA B 382 -21.48 -28.16 -11.16
C ALA B 382 -20.73 -29.14 -10.24
N LEU B 383 -19.50 -29.49 -10.63
CA LEU B 383 -18.64 -30.36 -9.82
C LEU B 383 -18.25 -29.71 -8.50
N ARG B 384 -17.91 -28.42 -8.53
CA ARG B 384 -17.46 -27.71 -7.34
C ARG B 384 -18.53 -27.64 -6.25
N LYS B 385 -19.72 -27.20 -6.64
CA LYS B 385 -20.82 -27.00 -5.71
C LYS B 385 -21.29 -28.32 -5.10
N HIS B 386 -21.30 -29.37 -5.91
CA HIS B 386 -21.57 -30.72 -5.44
C HIS B 386 -20.54 -31.18 -4.39
N LEU B 387 -19.27 -30.87 -4.63
CA LEU B 387 -18.21 -31.23 -3.69
C LEU B 387 -18.36 -30.51 -2.34
N ILE B 388 -18.78 -29.25 -2.40
CA ILE B 388 -19.07 -28.47 -1.20
C ILE B 388 -20.30 -29.01 -0.46
N ASP B 389 -21.35 -29.32 -1.22
CA ASP B 389 -22.64 -29.67 -0.64
C ASP B 389 -22.67 -31.08 -0.03
N LYS B 390 -21.99 -32.03 -0.67
CA LYS B 390 -22.05 -33.43 -0.26
C LYS B 390 -20.77 -33.92 0.41
N TYR B 391 -19.61 -33.57 -0.15
CA TYR B 391 -18.33 -34.14 0.31
C TYR B 391 -17.58 -33.24 1.30
N SER B 392 -18.06 -32.02 1.53
CA SER B 392 -17.38 -31.09 2.43
C SER B 392 -15.94 -30.83 1.93
N ILE B 393 -15.81 -30.65 0.62
CA ILE B 393 -14.51 -30.39 -0.01
C ILE B 393 -14.60 -29.13 -0.86
N GLY B 394 -13.64 -28.23 -0.68
CA GLY B 394 -13.60 -26.98 -1.42
C GLY B 394 -12.51 -26.97 -2.46
N VAL B 395 -12.89 -26.85 -3.72
CA VAL B 395 -11.94 -26.70 -4.84
C VAL B 395 -12.29 -25.46 -5.66
N ILE B 396 -11.38 -25.04 -6.53
CA ILE B 396 -11.60 -23.88 -7.40
C ILE B 396 -11.88 -24.34 -8.82
N ALA B 397 -12.92 -23.75 -9.41
CA ALA B 397 -13.23 -23.90 -10.82
C ALA B 397 -12.60 -22.73 -11.56
N LEU B 398 -11.54 -23.01 -12.31
CA LEU B 398 -10.71 -21.99 -12.93
C LEU B 398 -11.34 -21.41 -14.17
N ASN B 399 -12.04 -22.26 -14.92
CA ASN B 399 -12.56 -21.92 -16.23
C ASN B 399 -13.57 -22.98 -16.64
N ALA B 400 -13.88 -23.07 -17.93
CA ALA B 400 -14.92 -23.98 -18.41
C ALA B 400 -14.58 -25.47 -18.25
N THR B 401 -13.30 -25.80 -18.05
CA THR B 401 -12.86 -27.18 -17.96
C THR B 401 -12.00 -27.55 -16.74
N ASP B 402 -11.32 -26.58 -16.13
CA ASP B 402 -10.27 -26.86 -15.15
C ASP B 402 -10.66 -26.64 -13.70
N ILE B 403 -10.18 -27.52 -12.84
CA ILE B 403 -10.28 -27.39 -11.40
C ILE B 403 -8.88 -27.24 -10.78
N ARG B 404 -8.74 -26.36 -9.79
CA ARG B 404 -7.49 -26.21 -9.04
C ARG B 404 -7.66 -26.78 -7.64
N ILE B 405 -6.66 -27.51 -7.17
CA ILE B 405 -6.62 -28.06 -5.83
C ILE B 405 -5.34 -27.61 -5.15
N ALA B 406 -5.46 -26.97 -3.99
CA ALA B 406 -4.30 -26.54 -3.25
C ALA B 406 -3.86 -27.62 -2.27
N PHE B 407 -2.81 -28.36 -2.61
CA PHE B 407 -2.26 -29.35 -1.69
C PHE B 407 -1.50 -28.65 -0.56
N SER B 408 -1.22 -27.36 -0.76
CA SER B 408 -0.72 -26.51 0.33
C SER B 408 -1.63 -26.46 1.56
N CYS B 409 -2.93 -26.74 1.40
CA CYS B 409 -3.83 -26.73 2.57
CA CYS B 409 -3.87 -26.72 2.54
C CYS B 409 -4.50 -28.07 2.85
N VAL B 410 -4.01 -29.14 2.23
CA VAL B 410 -4.53 -30.47 2.52
C VAL B 410 -3.43 -31.32 3.11
N GLU B 411 -3.67 -31.86 4.30
CA GLU B 411 -2.68 -32.72 4.96
C GLU B 411 -2.38 -33.97 4.13
N LYS B 412 -1.14 -34.44 4.23
CA LYS B 412 -0.63 -35.56 3.42
C LYS B 412 -1.60 -36.75 3.45
N ASP B 413 -2.03 -37.11 4.65
CA ASP B 413 -2.91 -38.27 4.87
C ASP B 413 -4.31 -38.07 4.31
N ASP B 414 -4.71 -36.83 4.07
CA ASP B 414 -6.05 -36.51 3.55
C ASP B 414 -6.17 -36.45 2.03
N ILE B 415 -5.03 -36.41 1.35
CA ILE B 415 -5.01 -36.14 -0.08
C ILE B 415 -5.67 -37.22 -0.95
N PRO B 416 -5.38 -38.51 -0.68
CA PRO B 416 -6.10 -39.54 -1.45
C PRO B 416 -7.62 -39.45 -1.30
N HIS B 417 -8.13 -39.20 -0.09
CA HIS B 417 -9.57 -39.04 0.11
C HIS B 417 -10.14 -37.90 -0.72
N VAL B 418 -9.45 -36.76 -0.72
CA VAL B 418 -9.90 -35.59 -1.46
C VAL B 418 -10.07 -35.93 -2.94
N PHE B 419 -9.04 -36.55 -3.52
CA PHE B 419 -9.08 -36.87 -4.96
C PHE B 419 -10.08 -37.98 -5.30
N ASP B 420 -10.17 -38.99 -4.43
CA ASP B 420 -11.17 -40.04 -4.64
C ASP B 420 -12.58 -39.46 -4.55
N SER B 421 -12.78 -38.48 -3.67
CA SER B 421 -14.07 -37.81 -3.53
C SER B 421 -14.42 -36.96 -4.76
N ILE B 422 -13.39 -36.40 -5.41
CA ILE B 422 -13.56 -35.64 -6.65
C ILE B 422 -13.99 -36.60 -7.77
N ALA B 423 -13.35 -37.76 -7.83
CA ALA B 423 -13.71 -38.78 -8.83
C ALA B 423 -15.13 -39.30 -8.63
N LYS B 424 -15.51 -39.57 -7.38
CA LYS B 424 -16.89 -39.99 -7.09
C LYS B 424 -17.88 -38.88 -7.44
N ALA B 425 -17.53 -37.64 -7.09
CA ALA B 425 -18.37 -36.48 -7.41
C ALA B 425 -18.56 -36.29 -8.92
N ILE B 426 -17.52 -36.56 -9.70
CA ILE B 426 -17.62 -36.52 -11.16
C ILE B 426 -18.57 -37.60 -11.66
N ASP B 427 -18.37 -38.83 -11.20
CA ASP B 427 -19.20 -39.98 -11.57
C ASP B 427 -20.67 -39.78 -11.23
N ASP B 428 -20.96 -38.97 -10.21
CA ASP B 428 -22.34 -38.64 -9.84
C ASP B 428 -23.07 -37.85 -10.94
N LEU B 429 -22.37 -36.91 -11.57
CA LEU B 429 -22.99 -35.97 -12.51
C LEU B 429 -23.02 -36.49 -13.95
N1 PLP C . -1.56 13.76 6.75
C2 PLP C . -0.84 14.78 7.32
C2A PLP C . -1.39 16.18 7.32
C3 PLP C . 0.38 14.50 7.95
O3 PLP C . 1.12 15.48 8.53
C4 PLP C . 0.90 13.22 7.95
C4A PLP C . 2.40 13.09 8.01
C5 PLP C . 0.16 12.20 7.36
C6 PLP C . -1.07 12.47 6.75
C5A PLP C . 0.76 10.82 7.37
O4P PLP C . -0.18 9.82 7.51
P PLP C . 0.26 8.29 7.49
O1P PLP C . -0.72 7.53 8.33
O2P PLP C . 0.22 7.75 6.05
O3P PLP C . 1.67 8.07 7.99
N1 EPE D . -29.68 9.93 -0.94
C2 EPE D . -30.12 8.52 -0.89
C3 EPE D . -31.53 8.38 -1.47
N4 EPE D . -31.60 8.91 -2.83
C5 EPE D . -31.19 10.30 -2.84
C6 EPE D . -29.77 10.47 -2.31
C7 EPE D . -32.95 8.76 -3.37
C8 EPE D . -33.19 7.40 -4.02
O8 EPE D . -32.67 7.42 -5.33
C9 EPE D . -28.28 10.04 -0.46
C10 EPE D . -28.29 10.79 0.86
S EPE D . -26.64 10.85 1.61
O1S EPE D . -26.21 12.25 1.65
O2S EPE D . -25.68 10.10 0.81
O3S EPE D . -26.74 10.31 2.96
P PO4 E . 9.46 15.51 28.38
O1 PO4 E . 10.93 15.68 28.68
O2 PO4 E . 9.26 14.27 27.55
O3 PO4 E . 8.96 16.74 27.66
O4 PO4 E . 8.69 15.36 29.68
N1 EPE F . 23.00 0.49 -21.51
C2 EPE F . 23.84 1.50 -20.85
C3 EPE F . 24.56 2.36 -21.88
N4 EPE F . 23.63 3.03 -22.79
C5 EPE F . 22.76 2.04 -23.41
C6 EPE F . 22.02 1.19 -22.38
C7 EPE F . 24.38 3.77 -23.79
C8 EPE F . 23.60 4.90 -24.45
O8 EPE F . 24.25 5.25 -25.66
C9 EPE F . 22.34 -0.27 -20.44
C10 EPE F . 21.45 -1.38 -21.00
S EPE F . 20.84 -2.48 -19.70
O1S EPE F . 20.26 -3.64 -20.32
O2S EPE F . 19.86 -1.68 -18.94
O3S EPE F . 21.94 -2.94 -18.86
MG MG G . -0.11 2.44 -15.72
N1 PLP H . 1.48 -13.51 -7.81
C2 PLP H . 0.91 -14.74 -7.80
C2A PLP H . 1.14 -15.64 -8.99
C3 PLP H . 0.12 -15.11 -6.72
O3 PLP H . -0.45 -16.34 -6.71
C4 PLP H . -0.08 -14.23 -5.64
C4A PLP H . -1.33 -14.37 -4.80
C5 PLP H . 0.54 -12.98 -5.69
C6 PLP H . 1.31 -12.62 -6.78
C5A PLP H . 0.37 -11.93 -4.62
O4P PLP H . 1.36 -12.03 -3.64
P PLP H . 1.34 -11.02 -2.39
O1P PLP H . 2.80 -11.03 -1.95
O2P PLP H . 0.43 -11.64 -1.37
O3P PLP H . 0.92 -9.63 -2.75
P PO4 I . 1.19 -32.87 7.11
O1 PO4 I . 2.58 -33.30 7.58
O2 PO4 I . 0.99 -31.41 7.46
O3 PO4 I . 1.11 -33.06 5.61
O4 PO4 I . 0.14 -33.70 7.80
#